data_9B99
#
_entry.id   9B99
#
_cell.length_a   56.070
_cell.length_b   79.110
_cell.length_c   88.440
_cell.angle_alpha   90.000
_cell.angle_beta   97.590
_cell.angle_gamma   90.000
#
_symmetry.space_group_name_H-M   'P 1 21 1'
#
loop_
_entity.id
_entity.type
_entity.pdbx_description
1 polymer 'Labda-7,13E-dienyl diphosphate synthase'
2 water water
#
_entity_poly.entity_id   1
_entity_poly.type   'polypeptide(L)'
_entity_poly.pdbx_seq_one_letter_code
;MCKAIYNPEKGLLKHSDLQLEDDKYSDLQLVDEKHTIKRSVESIKSALSLVDDGDLTLSAYDTAWVALIEDVNGRSGFPQ
FPSCLQWIVSQQLPDGSWGEPLMFLAFDRLLNTLASVVALTKWNIRPDICQKGMKYVLENLNKLVDEKEEHMTPGFELLF
PKLIELAQKLDIKMPMDSPALKELYARRDTKLAKIPKKIFHKMPTILLYSLEGMNDLEWDKLLKLKSENGSFLCSPAATA
FAFMETKDQDCLAYLTDLVAKFNGGVPTFYPTDMYEQIWIVDRLQRLGIAHYFSSEINNFVDHIYRYWDQKGISFARKCN
LPDIDDTAMGFRVLRTHGYQVSSDVFQHFEKDGQFYCYWGQTAEAVTVMFNLYRASQVLFPGEKILDNAKKFAHNFLTEK
VATNQVFDKWIITKDILGEVQYALDVPWYASLPRLEARYYLDQYAGDGDVWIAKTLYRLKYVSNNEYLETAKLDYNHCQK
IHKLEWSYIQKWFLDLKIEESINTRTLWSYYQAAASIFHPERYNERLAWAKTNVLVDTITTFFSKQQMSKDDIQGFVNQL
TNTENQQTYGKMSHMLIDALNETLKHISMKARETHGIDIYPHLQSSWKKWLLSCMNGPNVAGVAELIVETINLTSGRSFS
NDLLSHPQYKQITSITNDLCHQLCSKGNRAIGSEIESKMQELVQLVFSDSSDGLDPDVKKTYLVVAKSFYYMAYFDAKTI
DSHINKVLFEMVV
;
_entity_poly.pdbx_strand_id   A
#
# COMPACT_ATOMS: atom_id res chain seq x y z
N GLN A 19 3.69 27.06 21.99
CA GLN A 19 4.58 27.17 23.13
C GLN A 19 5.88 26.42 22.84
N LEU A 20 6.72 26.97 21.96
CA LEU A 20 7.98 26.35 21.59
C LEU A 20 9.11 26.69 22.55
N GLU A 21 8.77 27.15 23.76
CA GLU A 21 9.76 27.33 24.82
C GLU A 21 10.02 26.05 25.59
N ASP A 22 9.31 24.97 25.28
CA ASP A 22 9.39 23.75 26.06
C ASP A 22 10.71 23.02 25.80
N ASP A 23 10.98 22.02 26.64
CA ASP A 23 12.20 21.23 26.53
C ASP A 23 12.15 20.23 25.38
N LYS A 24 10.95 19.87 24.92
CA LYS A 24 10.83 18.87 23.86
C LYS A 24 11.22 19.44 22.51
N TYR A 25 11.06 20.76 22.31
CA TYR A 25 11.50 21.41 21.09
C TYR A 25 12.97 21.79 21.12
N SER A 26 13.64 21.67 22.27
CA SER A 26 15.06 21.96 22.35
C SER A 26 15.85 21.16 21.32
N ASP A 27 16.98 21.72 20.90
CA ASP A 27 17.76 21.08 19.84
C ASP A 27 18.37 19.77 20.31
N LEU A 28 18.79 19.71 21.57
CA LEU A 28 19.41 18.49 22.08
C LEU A 28 18.41 17.33 22.09
N GLN A 29 17.15 17.62 22.39
CA GLN A 29 16.13 16.58 22.35
C GLN A 29 15.89 16.10 20.92
N LEU A 30 15.76 17.05 19.99
CA LEU A 30 15.56 16.68 18.58
C LEU A 30 16.70 15.82 18.07
N VAL A 31 17.93 16.12 18.48
CA VAL A 31 19.08 15.35 18.01
C VAL A 31 18.99 13.90 18.49
N ASP A 32 18.56 13.70 19.74
CA ASP A 32 18.43 12.34 20.26
C ASP A 32 17.32 11.58 19.56
N GLU A 33 16.24 12.27 19.20
CA GLU A 33 15.16 11.60 18.47
C GLU A 33 15.65 11.08 17.13
N LYS A 34 16.45 11.88 16.42
CA LYS A 34 16.96 11.45 15.12
C LYS A 34 17.81 10.19 15.26
N HIS A 35 18.71 10.17 16.26
CA HIS A 35 19.52 8.97 16.47
C HIS A 35 18.63 7.78 16.83
N THR A 36 17.61 8.00 17.66
CA THR A 36 16.68 6.92 17.98
C THR A 36 15.96 6.42 16.73
N ILE A 37 15.51 7.34 15.88
CA ILE A 37 14.85 6.94 14.64
C ILE A 37 15.82 6.19 13.75
N LYS A 38 17.05 6.70 13.62
CA LYS A 38 18.04 6.05 12.76
C LYS A 38 18.34 4.64 13.24
N ARG A 39 18.36 4.42 14.55
CA ARG A 39 18.60 3.08 15.07
C ARG A 39 17.48 2.14 14.68
N SER A 40 16.22 2.58 14.81
CA SER A 40 15.10 1.75 14.39
C SER A 40 15.16 1.48 12.89
N VAL A 41 15.53 2.48 12.10
CA VAL A 41 15.62 2.29 10.66
C VAL A 41 16.67 1.23 10.32
N GLU A 42 17.81 1.26 11.01
CA GLU A 42 18.82 0.24 10.79
C GLU A 42 18.31 -1.13 11.22
N SER A 43 17.52 -1.19 12.30
CA SER A 43 16.95 -2.46 12.71
C SER A 43 16.04 -3.02 11.62
N ILE A 44 15.10 -2.21 11.12
CA ILE A 44 14.23 -2.65 10.03
C ILE A 44 15.06 -3.08 8.84
N LYS A 45 16.08 -2.29 8.49
CA LYS A 45 16.91 -2.60 7.32
C LYS A 45 17.53 -3.99 7.45
N SER A 46 18.05 -4.33 8.63
CA SER A 46 18.65 -5.65 8.82
C SER A 46 17.59 -6.75 8.73
N ALA A 47 16.41 -6.50 9.30
CA ALA A 47 15.34 -7.48 9.21
C ALA A 47 14.87 -7.65 7.76
N LEU A 48 14.86 -6.56 6.99
CA LEU A 48 14.43 -6.65 5.60
C LEU A 48 15.44 -7.41 4.75
N SER A 49 16.72 -7.42 5.15
CA SER A 49 17.73 -8.15 4.39
C SER A 49 17.50 -9.66 4.42
N LEU A 50 16.66 -10.15 5.31
CA LEU A 50 16.35 -11.57 5.40
C LEU A 50 15.13 -11.96 4.59
N VAL A 51 14.44 -11.00 3.98
CA VAL A 51 13.31 -11.31 3.12
C VAL A 51 13.78 -12.24 2.00
N ASP A 52 13.04 -13.33 1.78
CA ASP A 52 13.42 -14.31 0.78
C ASP A 52 12.21 -14.74 -0.03
N ASP A 53 11.68 -15.93 0.23
CA ASP A 53 10.52 -16.45 -0.50
C ASP A 53 9.22 -16.29 0.28
N GLY A 54 9.25 -15.67 1.45
CA GLY A 54 8.06 -15.49 2.25
C GLY A 54 8.25 -15.94 3.67
N ASP A 55 7.64 -15.22 4.62
CA ASP A 55 7.73 -15.53 6.05
C ASP A 55 6.31 -15.54 6.59
N LEU A 56 5.73 -16.72 6.71
CA LEU A 56 4.32 -16.88 7.05
C LEU A 56 4.17 -17.68 8.33
N THR A 57 3.03 -17.50 8.98
CA THR A 57 2.61 -18.40 10.05
C THR A 57 2.71 -19.85 9.56
N LEU A 58 3.25 -20.71 10.42
CA LEU A 58 3.27 -22.14 10.12
C LEU A 58 1.96 -22.79 10.51
N SER A 59 1.55 -23.78 9.72
CA SER A 59 0.22 -24.36 9.81
C SER A 59 0.32 -25.81 10.27
N ALA A 60 -0.26 -26.12 11.44
CA ALA A 60 -0.31 -27.50 11.89
C ALA A 60 -1.17 -28.35 10.96
N TYR A 61 -2.22 -27.76 10.37
CA TYR A 61 -3.05 -28.49 9.42
C TYR A 61 -2.23 -28.98 8.24
N ASP A 62 -1.45 -28.07 7.64
CA ASP A 62 -0.65 -28.43 6.47
C ASP A 62 0.51 -29.33 6.86
N THR A 63 1.13 -29.07 8.02
CA THR A 63 2.23 -29.91 8.48
C THR A 63 1.74 -31.33 8.74
N ALA A 64 0.54 -31.47 9.30
CA ALA A 64 0.00 -32.81 9.55
C ALA A 64 -0.22 -33.55 8.24
N TRP A 65 -0.77 -32.87 7.23
CA TRP A 65 -1.00 -33.51 5.95
C TRP A 65 0.30 -34.02 5.34
N VAL A 66 1.36 -33.23 5.43
CA VAL A 66 2.65 -33.69 4.92
C VAL A 66 3.17 -34.86 5.74
N ALA A 67 2.91 -34.87 7.04
CA ALA A 67 3.38 -35.96 7.89
C ALA A 67 2.67 -37.27 7.60
N LEU A 68 1.51 -37.22 6.95
CA LEU A 68 0.80 -38.46 6.64
C LEU A 68 1.51 -39.29 5.59
N ILE A 69 2.41 -38.68 4.79
CA ILE A 69 3.03 -39.39 3.70
C ILE A 69 3.88 -40.54 4.24
N GLU A 70 3.65 -41.74 3.71
CA GLU A 70 4.42 -42.91 4.11
C GLU A 70 5.80 -42.88 3.49
N ASP A 71 6.76 -43.52 4.18
CA ASP A 71 8.11 -43.64 3.64
C ASP A 71 8.05 -44.16 2.21
N VAL A 72 8.75 -43.46 1.30
CA VAL A 72 8.62 -43.76 -0.12
C VAL A 72 9.48 -44.93 -0.56
N ASN A 73 10.36 -45.42 0.31
CA ASN A 73 11.19 -46.59 0.02
C ASN A 73 10.67 -47.85 0.69
N GLY A 74 9.42 -47.85 1.13
CA GLY A 74 8.80 -49.04 1.68
C GLY A 74 9.11 -49.32 3.13
N ARG A 75 9.79 -48.42 3.84
CA ARG A 75 10.09 -48.62 5.25
C ARG A 75 8.78 -48.55 6.03
N SER A 76 8.06 -49.66 6.03
CA SER A 76 6.74 -49.71 6.63
C SER A 76 6.79 -49.29 8.09
N GLY A 77 5.77 -48.54 8.52
CA GLY A 77 5.68 -48.06 9.87
C GLY A 77 6.39 -46.75 10.14
N PHE A 78 7.03 -46.16 9.13
CA PHE A 78 7.74 -44.90 9.30
C PHE A 78 7.21 -43.85 8.34
N PRO A 79 7.15 -42.59 8.77
CA PRO A 79 6.75 -41.51 7.87
C PRO A 79 7.90 -41.05 6.98
N GLN A 80 7.53 -40.45 5.85
CA GLN A 80 8.54 -39.90 4.95
C GLN A 80 9.19 -38.65 5.53
N PHE A 81 8.45 -37.86 6.29
CA PHE A 81 8.91 -36.56 6.80
C PHE A 81 8.76 -36.55 8.31
N PRO A 82 9.65 -37.22 9.03
CA PRO A 82 9.50 -37.29 10.50
C PRO A 82 9.57 -35.93 11.18
N SER A 83 10.31 -34.97 10.61
CA SER A 83 10.43 -33.67 11.27
C SER A 83 9.07 -32.98 11.39
N CYS A 84 8.16 -33.24 10.46
CA CYS A 84 6.83 -32.65 10.56
C CYS A 84 6.10 -33.12 11.80
N LEU A 85 6.24 -34.40 12.15
CA LEU A 85 5.59 -34.92 13.34
C LEU A 85 6.18 -34.30 14.60
N GLN A 86 7.50 -34.11 14.63
CA GLN A 86 8.12 -33.50 15.80
C GLN A 86 7.68 -32.05 15.96
N TRP A 87 7.60 -31.31 14.85
CA TRP A 87 7.08 -29.95 14.93
C TRP A 87 5.69 -29.93 15.56
N ILE A 88 4.78 -30.77 15.05
CA ILE A 88 3.42 -30.81 15.58
C ILE A 88 3.45 -31.05 17.08
N VAL A 89 4.27 -32.01 17.53
CA VAL A 89 4.34 -32.31 18.96
C VAL A 89 4.69 -31.06 19.75
N SER A 90 5.62 -30.26 19.24
CA SER A 90 6.12 -29.12 19.99
C SER A 90 5.16 -27.94 20.04
N GLN A 91 4.07 -27.97 19.27
CA GLN A 91 3.24 -26.79 19.07
C GLN A 91 1.88 -26.86 19.75
N GLN A 92 1.56 -27.94 20.46
CA GLN A 92 0.24 -28.05 21.06
C GLN A 92 0.06 -27.00 22.14
N LEU A 93 -1.11 -26.37 22.15
CA LEU A 93 -1.43 -25.33 23.12
C LEU A 93 -1.91 -25.96 24.42
N PRO A 94 -2.03 -25.16 25.48
CA PRO A 94 -2.36 -25.76 26.79
C PRO A 94 -3.72 -26.43 26.85
N ASP A 95 -4.70 -25.94 26.09
CA ASP A 95 -6.02 -26.57 26.09
C ASP A 95 -6.09 -27.80 25.21
N GLY A 96 -4.99 -28.19 24.57
CA GLY A 96 -4.95 -29.34 23.71
C GLY A 96 -5.16 -29.06 22.25
N SER A 97 -5.45 -27.81 21.89
CA SER A 97 -5.66 -27.44 20.50
C SER A 97 -4.35 -27.01 19.85
N TRP A 98 -4.40 -26.92 18.51
CA TRP A 98 -3.36 -26.29 17.72
C TRP A 98 -3.99 -25.14 16.95
N GLY A 99 -3.19 -24.12 16.62
CA GLY A 99 -3.65 -23.04 15.78
C GLY A 99 -3.05 -21.72 16.20
N GLU A 100 -3.60 -20.65 15.64
CA GLU A 100 -3.14 -19.30 15.92
C GLU A 100 -3.31 -18.98 17.40
N PRO A 101 -2.22 -18.70 18.13
CA PRO A 101 -2.36 -18.63 19.60
C PRO A 101 -3.13 -17.42 20.10
N LEU A 102 -3.00 -16.27 19.43
CA LEU A 102 -3.55 -15.03 19.96
C LEU A 102 -4.93 -14.70 19.42
N MET A 103 -5.23 -15.08 18.19
CA MET A 103 -6.57 -14.89 17.61
C MET A 103 -7.28 -16.25 17.64
N PHE A 104 -8.30 -16.36 18.47
CA PHE A 104 -9.09 -17.59 18.53
C PHE A 104 -10.15 -17.58 17.44
N LEU A 105 -10.20 -18.65 16.66
CA LEU A 105 -11.27 -18.86 15.69
C LEU A 105 -11.61 -20.35 15.69
N ALA A 106 -12.86 -20.67 16.02
CA ALA A 106 -13.24 -22.06 16.23
C ALA A 106 -12.83 -22.94 15.06
N PHE A 107 -13.03 -22.47 13.83
CA PHE A 107 -12.72 -23.29 12.67
C PHE A 107 -11.21 -23.47 12.51
N ASP A 108 -10.43 -22.42 12.79
CA ASP A 108 -8.98 -22.54 12.75
C ASP A 108 -8.50 -23.62 13.71
N ARG A 109 -9.00 -23.61 14.95
CA ARG A 109 -8.53 -24.57 15.94
C ARG A 109 -8.97 -25.99 15.59
N LEU A 110 -10.21 -26.15 15.11
CA LEU A 110 -10.70 -27.49 14.80
C LEU A 110 -9.90 -28.13 13.66
N LEU A 111 -9.60 -27.35 12.62
CA LEU A 111 -8.85 -27.89 11.49
C LEU A 111 -7.44 -28.27 11.90
N ASN A 112 -6.72 -27.34 12.54
CA ASN A 112 -5.34 -27.61 12.94
C ASN A 112 -5.25 -28.74 13.95
N THR A 113 -6.26 -28.86 14.83
CA THR A 113 -6.16 -29.82 15.92
C THR A 113 -6.45 -31.24 15.44
N LEU A 114 -7.55 -31.45 14.73
CA LEU A 114 -7.88 -32.81 14.28
C LEU A 114 -6.83 -33.33 13.32
N ALA A 115 -6.34 -32.48 12.41
CA ALA A 115 -5.25 -32.89 11.52
C ALA A 115 -4.03 -33.35 12.32
N SER A 116 -3.66 -32.59 13.36
CA SER A 116 -2.51 -32.97 14.17
C SER A 116 -2.74 -34.32 14.84
N VAL A 117 -3.94 -34.51 15.41
CA VAL A 117 -4.25 -35.78 16.07
C VAL A 117 -4.15 -36.91 15.05
N VAL A 118 -4.72 -36.72 13.87
CA VAL A 118 -4.74 -37.78 12.86
C VAL A 118 -3.32 -38.17 12.48
N ALA A 119 -2.45 -37.18 12.26
CA ALA A 119 -1.07 -37.46 11.88
C ALA A 119 -0.36 -38.22 12.99
N LEU A 120 -0.45 -37.73 14.23
CA LEU A 120 0.24 -38.38 15.33
C LEU A 120 -0.31 -39.77 15.60
N THR A 121 -1.63 -39.95 15.43
CA THR A 121 -2.24 -41.27 15.64
C THR A 121 -1.74 -42.26 14.60
N LYS A 122 -1.69 -41.84 13.33
CA LYS A 122 -1.29 -42.75 12.26
C LYS A 122 0.08 -43.35 12.55
N TRP A 123 0.99 -42.57 13.13
CA TRP A 123 2.36 -43.01 13.38
C TRP A 123 2.61 -43.33 14.85
N ASN A 124 1.53 -43.48 15.64
CA ASN A 124 1.61 -43.97 17.01
C ASN A 124 2.60 -43.13 17.83
N ILE A 125 2.34 -41.83 17.88
CA ILE A 125 3.19 -40.87 18.55
C ILE A 125 2.38 -40.16 19.63
N ARG A 126 2.95 -40.10 20.84
CA ARG A 126 2.40 -39.37 21.97
C ARG A 126 0.89 -39.58 22.10
N PRO A 127 0.46 -40.75 22.57
CA PRO A 127 -0.99 -40.94 22.82
C PRO A 127 -1.55 -39.94 23.81
N ASP A 128 -0.72 -39.45 24.74
CA ASP A 128 -1.19 -38.44 25.69
C ASP A 128 -1.56 -37.15 24.99
N ILE A 129 -0.75 -36.72 24.02
CA ILE A 129 -1.06 -35.51 23.26
C ILE A 129 -2.28 -35.74 22.39
N CYS A 130 -2.40 -36.93 21.80
CA CYS A 130 -3.54 -37.23 20.95
C CYS A 130 -4.85 -37.15 21.74
N GLN A 131 -4.84 -37.63 22.98
CA GLN A 131 -6.08 -37.66 23.76
C GLN A 131 -6.49 -36.25 24.20
N LYS A 132 -5.53 -35.43 24.64
CA LYS A 132 -5.84 -34.04 24.91
C LYS A 132 -6.36 -33.34 23.66
N GLY A 133 -5.82 -33.70 22.49
CA GLY A 133 -6.31 -33.12 21.25
C GLY A 133 -7.74 -33.52 20.94
N MET A 134 -8.04 -34.82 21.06
CA MET A 134 -9.39 -35.29 20.78
C MET A 134 -10.39 -34.72 21.79
N LYS A 135 -9.96 -34.58 23.05
CA LYS A 135 -10.84 -33.97 24.05
C LYS A 135 -11.27 -32.59 23.62
N TYR A 136 -10.35 -31.80 23.05
CA TYR A 136 -10.71 -30.47 22.59
C TYR A 136 -11.65 -30.54 21.38
N VAL A 137 -11.34 -31.43 20.44
CA VAL A 137 -12.17 -31.52 19.23
C VAL A 137 -13.59 -31.93 19.59
N LEU A 138 -13.73 -33.01 20.35
CA LEU A 138 -15.06 -33.51 20.67
C LEU A 138 -15.86 -32.52 21.49
N GLU A 139 -15.18 -31.72 22.33
CA GLU A 139 -15.88 -30.75 23.16
C GLU A 139 -16.33 -29.53 22.38
N ASN A 140 -15.57 -29.14 21.36
CA ASN A 140 -15.91 -27.98 20.54
C ASN A 140 -16.67 -28.34 19.28
N LEU A 141 -16.82 -29.63 18.98
CA LEU A 141 -17.58 -30.03 17.81
C LEU A 141 -19.04 -29.60 17.92
N ASN A 142 -19.66 -29.83 19.07
CA ASN A 142 -21.08 -29.53 19.23
C ASN A 142 -21.37 -28.04 19.13
N LYS A 143 -20.37 -27.18 19.39
CA LYS A 143 -20.58 -25.74 19.37
C LYS A 143 -20.58 -25.17 17.96
N LEU A 144 -20.36 -25.99 16.93
CA LEU A 144 -20.48 -25.51 15.56
C LEU A 144 -21.91 -25.08 15.25
N VAL A 145 -22.89 -25.63 15.97
CA VAL A 145 -24.28 -25.24 15.76
C VAL A 145 -24.47 -23.77 16.06
N ASP A 146 -23.80 -23.26 17.08
CA ASP A 146 -23.95 -21.88 17.52
C ASP A 146 -23.18 -20.88 16.67
N GLU A 147 -22.67 -21.31 15.51
CA GLU A 147 -21.92 -20.43 14.62
C GLU A 147 -22.68 -20.27 13.31
N LYS A 148 -22.88 -19.02 12.89
CA LYS A 148 -23.67 -18.75 11.71
C LYS A 148 -22.89 -19.16 10.46
N GLU A 149 -23.56 -19.02 9.31
CA GLU A 149 -23.01 -19.54 8.06
C GLU A 149 -21.85 -18.70 7.55
N GLU A 150 -21.93 -17.37 7.72
CA GLU A 150 -20.97 -16.46 7.11
C GLU A 150 -19.65 -16.40 7.86
N HIS A 151 -19.46 -17.19 8.91
CA HIS A 151 -18.23 -17.17 9.68
C HIS A 151 -17.36 -18.40 9.46
N MET A 152 -17.84 -19.38 8.71
CA MET A 152 -17.12 -20.62 8.49
C MET A 152 -16.02 -20.40 7.45
N THR A 153 -14.78 -20.72 7.82
CA THR A 153 -13.62 -20.40 7.00
C THR A 153 -13.71 -21.09 5.65
N PRO A 154 -12.93 -20.64 4.67
CA PRO A 154 -13.06 -21.18 3.31
C PRO A 154 -12.75 -22.66 3.26
N GLY A 155 -13.67 -23.42 2.66
CA GLY A 155 -13.48 -24.85 2.46
C GLY A 155 -13.68 -25.71 3.67
N PHE A 156 -14.03 -25.13 4.82
CA PHE A 156 -14.18 -25.92 6.04
C PHE A 156 -15.17 -27.06 5.84
N GLU A 157 -16.28 -26.80 5.14
CA GLU A 157 -17.28 -27.84 4.92
C GLU A 157 -16.73 -28.97 4.06
N LEU A 158 -15.61 -28.76 3.37
CA LEU A 158 -14.94 -29.81 2.63
C LEU A 158 -13.77 -30.40 3.41
N LEU A 159 -13.00 -29.57 4.11
CA LEU A 159 -11.74 -30.01 4.67
C LEU A 159 -11.92 -30.69 6.02
N PHE A 160 -12.85 -30.22 6.84
CA PHE A 160 -13.01 -30.83 8.15
C PHE A 160 -13.65 -32.21 8.02
N PRO A 161 -14.70 -32.38 7.20
CA PRO A 161 -15.20 -33.75 6.98
C PRO A 161 -14.14 -34.71 6.47
N LYS A 162 -13.24 -34.24 5.59
CA LYS A 162 -12.14 -35.10 5.16
C LYS A 162 -11.30 -35.55 6.34
N LEU A 163 -11.00 -34.64 7.26
CA LEU A 163 -10.25 -35.03 8.46
C LEU A 163 -11.02 -36.05 9.28
N ILE A 164 -12.34 -35.86 9.41
CA ILE A 164 -13.17 -36.83 10.12
C ILE A 164 -13.08 -38.19 9.44
N GLU A 165 -13.06 -38.20 8.11
CA GLU A 165 -12.93 -39.45 7.37
C GLU A 165 -11.62 -40.14 7.69
N LEU A 166 -10.51 -39.40 7.67
CA LEU A 166 -9.22 -39.99 8.01
C LEU A 166 -9.19 -40.49 9.45
N ALA A 167 -9.83 -39.76 10.36
CA ALA A 167 -9.81 -40.15 11.76
C ALA A 167 -10.59 -41.45 11.98
N GLN A 168 -11.75 -41.58 11.34
CA GLN A 168 -12.58 -42.77 11.54
C GLN A 168 -11.85 -44.03 11.09
N LYS A 169 -11.05 -43.93 10.02
CA LYS A 169 -10.29 -45.07 9.54
C LYS A 169 -9.09 -45.38 10.42
N LEU A 170 -8.75 -44.49 11.35
CA LEU A 170 -7.80 -44.79 12.41
C LEU A 170 -8.50 -45.21 13.70
N ASP A 171 -9.79 -45.51 13.62
CA ASP A 171 -10.60 -45.96 14.76
C ASP A 171 -10.75 -44.88 15.82
N ILE A 172 -10.59 -43.61 15.44
CA ILE A 172 -10.99 -42.50 16.30
C ILE A 172 -12.50 -42.33 16.14
N LYS A 173 -13.26 -42.71 17.16
CA LYS A 173 -14.72 -42.70 17.05
C LYS A 173 -15.25 -41.28 17.23
N MET A 174 -16.13 -40.88 16.33
CA MET A 174 -16.70 -39.54 16.29
C MET A 174 -18.20 -39.61 16.46
N PRO A 175 -18.84 -38.50 16.88
CA PRO A 175 -20.26 -38.46 17.03
C PRO A 175 -20.91 -38.14 15.68
N MET A 176 -21.11 -39.07 14.76
CA MET A 176 -21.62 -38.73 13.41
C MET A 176 -23.11 -38.37 13.50
N ASP A 177 -23.83 -38.78 14.55
CA ASP A 177 -25.23 -38.40 14.75
C ASP A 177 -25.37 -37.01 15.37
N SER A 178 -24.26 -36.30 15.60
CA SER A 178 -24.33 -34.98 16.24
C SER A 178 -25.06 -34.01 15.31
N PRO A 179 -25.92 -33.11 15.79
CA PRO A 179 -26.52 -32.05 14.96
C PRO A 179 -25.48 -31.21 14.25
N ALA A 180 -24.32 -30.98 14.89
CA ALA A 180 -23.29 -30.16 14.27
C ALA A 180 -22.72 -30.84 13.02
N LEU A 181 -22.47 -32.14 13.09
CA LEU A 181 -21.86 -32.84 11.96
C LEU A 181 -22.89 -33.17 10.89
N LYS A 182 -24.10 -33.57 11.29
CA LYS A 182 -25.17 -33.74 10.32
C LYS A 182 -25.36 -32.47 9.48
N GLU A 183 -25.32 -31.32 10.15
CA GLU A 183 -25.41 -30.05 9.44
C GLU A 183 -24.19 -29.79 8.58
N LEU A 184 -22.99 -30.08 9.10
CA LEU A 184 -21.78 -29.84 8.34
C LEU A 184 -21.74 -30.70 7.08
N TYR A 185 -22.09 -31.98 7.20
CA TYR A 185 -22.04 -32.88 6.05
C TYR A 185 -23.10 -32.53 5.02
N ALA A 186 -24.22 -31.94 5.45
CA ALA A 186 -25.20 -31.46 4.49
C ALA A 186 -24.61 -30.37 3.60
N ARG A 187 -23.89 -29.42 4.21
CA ARG A 187 -23.28 -28.35 3.43
C ARG A 187 -22.14 -28.84 2.56
N ARG A 188 -21.42 -29.87 3.03
CA ARG A 188 -20.43 -30.52 2.17
C ARG A 188 -21.08 -31.04 0.89
N ASP A 189 -22.24 -31.68 1.03
CA ASP A 189 -22.86 -32.33 -0.12
C ASP A 189 -23.26 -31.31 -1.19
N THR A 190 -23.79 -30.16 -0.78
CA THR A 190 -24.20 -29.15 -1.76
C THR A 190 -22.99 -28.57 -2.48
N LYS A 191 -21.96 -28.19 -1.72
CA LYS A 191 -20.76 -27.61 -2.33
C LYS A 191 -20.17 -28.57 -3.36
N LEU A 192 -20.03 -29.84 -3.01
CA LEU A 192 -19.49 -30.80 -3.95
C LEU A 192 -20.36 -30.93 -5.19
N ALA A 193 -21.68 -30.84 -5.01
CA ALA A 193 -22.60 -30.93 -6.15
C ALA A 193 -22.49 -29.73 -7.07
N LYS A 194 -22.00 -28.60 -6.57
CA LYS A 194 -21.89 -27.37 -7.34
C LYS A 194 -20.62 -27.28 -8.17
N ILE A 195 -19.67 -28.19 -7.94
CA ILE A 195 -18.36 -28.11 -8.58
C ILE A 195 -18.49 -28.25 -10.09
N PRO A 196 -17.99 -27.28 -10.89
CA PRO A 196 -17.93 -27.49 -12.34
C PRO A 196 -16.77 -28.40 -12.72
N LYS A 197 -17.04 -29.70 -12.84
CA LYS A 197 -15.96 -30.67 -12.98
C LYS A 197 -15.11 -30.40 -14.22
N LYS A 198 -15.76 -30.15 -15.36
CA LYS A 198 -15.03 -29.98 -16.60
C LYS A 198 -14.05 -28.82 -16.51
N ILE A 199 -14.52 -27.64 -16.14
CA ILE A 199 -13.64 -26.49 -16.03
C ILE A 199 -12.58 -26.74 -14.97
N PHE A 200 -12.97 -27.35 -13.85
CA PHE A 200 -12.04 -27.62 -12.76
C PHE A 200 -10.89 -28.51 -13.21
N HIS A 201 -11.13 -29.38 -14.21
CA HIS A 201 -10.10 -30.26 -14.73
C HIS A 201 -9.40 -29.69 -15.96
N LYS A 202 -9.85 -28.56 -16.48
CA LYS A 202 -9.29 -28.00 -17.72
C LYS A 202 -8.26 -26.92 -17.48
N MET A 203 -8.39 -26.13 -16.41
CA MET A 203 -7.55 -24.96 -16.20
C MET A 203 -7.28 -24.80 -14.72
N PRO A 204 -6.19 -24.11 -14.34
CA PRO A 204 -5.96 -23.79 -12.93
C PRO A 204 -7.10 -22.96 -12.37
N THR A 205 -7.61 -23.38 -11.22
CA THR A 205 -8.66 -22.65 -10.51
C THR A 205 -8.33 -22.63 -9.03
N ILE A 206 -9.03 -21.77 -8.29
CA ILE A 206 -8.81 -21.71 -6.85
C ILE A 206 -9.19 -23.02 -6.18
N LEU A 207 -9.99 -23.86 -6.85
CA LEU A 207 -10.40 -25.13 -6.26
C LEU A 207 -9.21 -26.02 -5.96
N LEU A 208 -8.14 -25.93 -6.76
CA LEU A 208 -6.96 -26.74 -6.52
C LEU A 208 -6.36 -26.47 -5.14
N TYR A 209 -6.50 -25.25 -4.62
CA TYR A 209 -5.97 -24.91 -3.32
C TYR A 209 -6.58 -25.76 -2.21
N SER A 210 -7.79 -26.27 -2.41
CA SER A 210 -8.48 -27.13 -1.46
C SER A 210 -8.70 -28.52 -2.03
N LEU A 211 -7.72 -29.01 -2.80
CA LEU A 211 -7.90 -30.28 -3.52
C LEU A 211 -8.15 -31.44 -2.57
N GLU A 212 -7.57 -31.39 -1.37
CA GLU A 212 -7.64 -32.52 -0.45
C GLU A 212 -9.05 -32.79 0.06
N GLY A 213 -9.98 -31.86 -0.10
CA GLY A 213 -11.33 -32.02 0.37
C GLY A 213 -12.32 -32.46 -0.69
N MET A 214 -11.85 -32.93 -1.84
CA MET A 214 -12.73 -33.21 -2.96
C MET A 214 -12.53 -34.63 -3.46
N ASN A 215 -13.58 -35.14 -4.12
CA ASN A 215 -13.59 -36.43 -4.78
C ASN A 215 -13.99 -36.21 -6.23
N ASP A 216 -14.16 -37.30 -6.97
CA ASP A 216 -14.49 -37.21 -8.40
C ASP A 216 -13.33 -36.58 -9.16
N LEU A 217 -12.13 -37.12 -8.98
CA LEU A 217 -10.91 -36.56 -9.52
C LEU A 217 -10.40 -37.40 -10.68
N GLU A 218 -10.07 -36.73 -11.78
CA GLU A 218 -9.41 -37.34 -12.93
C GLU A 218 -7.97 -36.85 -12.92
N TRP A 219 -7.09 -37.59 -12.23
CA TRP A 219 -5.71 -37.15 -12.06
C TRP A 219 -4.97 -37.07 -13.40
N ASP A 220 -5.44 -37.80 -14.42
CA ASP A 220 -4.91 -37.62 -15.77
C ASP A 220 -4.88 -36.16 -16.15
N LYS A 221 -5.95 -35.42 -15.83
CA LYS A 221 -6.08 -34.02 -16.20
C LYS A 221 -5.57 -33.09 -15.11
N LEU A 222 -5.77 -33.45 -13.84
CA LEU A 222 -5.32 -32.58 -12.76
C LEU A 222 -3.81 -32.43 -12.75
N LEU A 223 -3.08 -33.52 -13.05
CA LEU A 223 -1.62 -33.47 -13.01
C LEU A 223 -1.06 -32.52 -14.06
N LYS A 224 -1.86 -32.15 -15.06
CA LYS A 224 -1.44 -31.12 -16.01
C LYS A 224 -1.51 -29.72 -15.43
N LEU A 225 -2.14 -29.55 -14.27
CA LEU A 225 -2.37 -28.23 -13.70
C LEU A 225 -1.42 -27.91 -12.54
N LYS A 226 -0.38 -28.72 -12.35
CA LYS A 226 0.62 -28.41 -11.34
C LYS A 226 1.25 -27.05 -11.63
N SER A 227 1.56 -26.31 -10.57
CA SER A 227 2.34 -25.10 -10.71
C SER A 227 3.78 -25.45 -11.12
N GLU A 228 4.57 -24.41 -11.39
CA GLU A 228 5.90 -24.62 -11.96
C GLU A 228 6.83 -25.28 -10.95
N ASN A 229 6.60 -25.10 -9.66
CA ASN A 229 7.42 -25.73 -8.62
C ASN A 229 6.95 -27.13 -8.26
N GLY A 230 6.00 -27.68 -9.01
CA GLY A 230 5.50 -29.02 -8.76
C GLY A 230 4.36 -29.10 -7.77
N SER A 231 3.90 -27.97 -7.25
CA SER A 231 2.83 -27.96 -6.27
C SER A 231 1.47 -27.83 -6.96
N PHE A 232 0.42 -28.09 -6.20
CA PHE A 232 -0.94 -27.72 -6.57
C PHE A 232 -1.28 -26.42 -5.85
N LEU A 233 -1.28 -25.31 -6.58
CA LEU A 233 -1.64 -24.00 -6.04
C LEU A 233 -0.78 -23.61 -4.84
N CYS A 234 0.45 -24.12 -4.79
CA CYS A 234 1.40 -23.77 -3.74
C CYS A 234 0.82 -24.05 -2.35
N SER A 235 0.02 -25.11 -2.24
CA SER A 235 -0.54 -25.55 -0.98
C SER A 235 0.10 -26.85 -0.56
N PRO A 236 0.81 -26.89 0.58
CA PRO A 236 1.42 -28.18 0.99
C PRO A 236 0.41 -29.28 1.23
N ALA A 237 -0.73 -28.96 1.86
CA ALA A 237 -1.74 -29.98 2.12
C ALA A 237 -2.29 -30.55 0.83
N ALA A 238 -2.65 -29.69 -0.12
CA ALA A 238 -3.18 -30.18 -1.40
C ALA A 238 -2.13 -30.98 -2.17
N THR A 239 -0.87 -30.57 -2.07
CA THR A 239 0.19 -31.29 -2.77
C THR A 239 0.52 -32.61 -2.08
N ALA A 240 0.48 -32.63 -0.74
CA ALA A 240 0.68 -33.89 -0.03
C ALA A 240 -0.45 -34.87 -0.32
N PHE A 241 -1.69 -34.36 -0.36
CA PHE A 241 -2.82 -35.21 -0.76
C PHE A 241 -2.61 -35.76 -2.17
N ALA A 242 -2.17 -34.90 -3.10
CA ALA A 242 -1.97 -35.34 -4.47
C ALA A 242 -0.88 -36.39 -4.57
N PHE A 243 0.18 -36.26 -3.75
CA PHE A 243 1.24 -37.24 -3.81
C PHE A 243 0.77 -38.61 -3.35
N MET A 244 0.02 -38.67 -2.25
CA MET A 244 -0.46 -39.95 -1.74
C MET A 244 -1.47 -40.58 -2.69
N GLU A 245 -2.15 -39.79 -3.53
CA GLU A 245 -3.07 -40.34 -4.50
C GLU A 245 -2.37 -40.80 -5.77
N THR A 246 -1.27 -40.12 -6.14
CA THR A 246 -0.66 -40.33 -7.46
C THR A 246 0.81 -40.68 -7.42
N LYS A 247 1.53 -40.41 -6.33
CA LYS A 247 2.97 -40.63 -6.25
C LYS A 247 3.76 -39.72 -7.18
N ASP A 248 3.17 -38.61 -7.61
CA ASP A 248 3.84 -37.71 -8.55
C ASP A 248 5.12 -37.19 -7.94
N GLN A 249 6.23 -37.35 -8.67
CA GLN A 249 7.55 -37.02 -8.14
C GLN A 249 7.81 -35.52 -8.10
N ASP A 250 7.13 -34.73 -8.93
CA ASP A 250 7.24 -33.28 -8.81
C ASP A 250 6.60 -32.81 -7.50
N CYS A 251 5.44 -33.37 -7.15
CA CYS A 251 4.80 -33.03 -5.88
C CYS A 251 5.71 -33.37 -4.70
N LEU A 252 6.39 -34.52 -4.78
CA LEU A 252 7.28 -34.91 -3.69
C LEU A 252 8.46 -33.96 -3.58
N ALA A 253 8.98 -33.47 -4.72
CA ALA A 253 10.11 -32.55 -4.67
C ALA A 253 9.72 -31.23 -4.02
N TYR A 254 8.56 -30.69 -4.37
CA TYR A 254 8.08 -29.48 -3.71
C TYR A 254 8.04 -29.65 -2.20
N LEU A 255 7.53 -30.79 -1.73
CA LEU A 255 7.37 -31.01 -0.29
C LEU A 255 8.72 -31.22 0.38
N THR A 256 9.65 -31.92 -0.28
CA THR A 256 10.96 -32.17 0.31
C THR A 256 11.70 -30.86 0.55
N ASP A 257 11.71 -29.97 -0.45
CA ASP A 257 12.36 -28.68 -0.29
C ASP A 257 11.70 -27.88 0.83
N LEU A 258 10.37 -27.92 0.90
CA LEU A 258 9.65 -27.16 1.92
C LEU A 258 9.94 -27.68 3.32
N VAL A 259 9.97 -29.01 3.50
CA VAL A 259 10.20 -29.57 4.82
C VAL A 259 11.57 -29.22 5.36
N ALA A 260 12.52 -28.91 4.48
CA ALA A 260 13.87 -28.58 4.92
C ALA A 260 14.03 -27.11 5.29
N LYS A 261 13.10 -26.24 4.90
CA LYS A 261 13.31 -24.80 5.05
C LYS A 261 12.86 -24.27 6.40
N PHE A 262 11.82 -24.85 7.01
CA PHE A 262 11.29 -24.36 8.28
C PHE A 262 11.30 -25.43 9.35
N ASN A 263 12.20 -26.40 9.23
CA ASN A 263 12.43 -27.38 10.29
C ASN A 263 11.21 -28.27 10.52
N GLY A 264 10.46 -28.57 9.47
CA GLY A 264 9.34 -29.47 9.58
C GLY A 264 7.98 -28.79 9.46
N GLY A 265 7.84 -27.62 10.05
CA GLY A 265 6.59 -26.88 9.96
C GLY A 265 6.46 -26.19 8.61
N VAL A 266 5.25 -26.22 8.06
CA VAL A 266 5.00 -25.63 6.76
C VAL A 266 3.81 -24.68 6.86
N PRO A 267 3.77 -23.61 6.05
CA PRO A 267 2.60 -22.71 6.09
C PRO A 267 1.48 -23.20 5.19
N THR A 268 0.36 -22.47 5.19
CA THR A 268 -0.80 -22.87 4.40
C THR A 268 -0.64 -22.58 2.90
N PHE A 269 0.35 -21.78 2.52
CA PHE A 269 0.76 -21.68 1.12
C PHE A 269 2.20 -21.22 1.09
N TYR A 270 2.94 -21.70 0.08
CA TYR A 270 4.32 -21.30 -0.09
CA TYR A 270 4.34 -21.33 -0.08
C TYR A 270 4.76 -21.61 -1.51
N PRO A 271 5.54 -20.74 -2.16
CA PRO A 271 6.06 -19.44 -1.66
C PRO A 271 4.99 -18.36 -1.59
N THR A 272 5.39 -17.15 -1.21
CA THR A 272 4.49 -16.00 -1.19
C THR A 272 5.29 -14.73 -1.45
N ASP A 273 6.22 -14.78 -2.40
CA ASP A 273 7.21 -13.72 -2.56
C ASP A 273 6.61 -12.45 -3.16
N MET A 274 5.70 -12.59 -4.12
CA MET A 274 5.09 -11.41 -4.73
C MET A 274 4.13 -10.73 -3.76
N TYR A 275 3.20 -11.50 -3.19
CA TYR A 275 2.29 -11.00 -2.16
C TYR A 275 3.06 -10.28 -1.06
N GLU A 276 4.12 -10.90 -0.54
CA GLU A 276 4.83 -10.33 0.59
C GLU A 276 5.55 -9.04 0.21
N GLN A 277 6.35 -9.07 -0.85
CA GLN A 277 7.18 -7.92 -1.18
C GLN A 277 6.34 -6.75 -1.68
N ILE A 278 5.21 -7.02 -2.36
CA ILE A 278 4.33 -5.94 -2.78
C ILE A 278 3.71 -5.25 -1.57
N TRP A 279 3.23 -6.05 -0.61
CA TRP A 279 2.59 -5.46 0.56
C TRP A 279 3.60 -4.75 1.46
N ILE A 280 4.85 -5.22 1.48
CA ILE A 280 5.89 -4.50 2.21
C ILE A 280 6.01 -3.07 1.67
N VAL A 281 6.16 -2.95 0.36
CA VAL A 281 6.31 -1.63 -0.26
C VAL A 281 5.09 -0.77 0.03
N ASP A 282 3.89 -1.36 -0.09
CA ASP A 282 2.67 -0.59 0.14
C ASP A 282 2.62 -0.04 1.56
N ARG A 283 2.85 -0.91 2.55
CA ARG A 283 2.73 -0.48 3.94
C ARG A 283 3.77 0.57 4.30
N LEU A 284 5.03 0.34 3.91
CA LEU A 284 6.06 1.32 4.20
C LEU A 284 5.74 2.65 3.54
N GLN A 285 5.18 2.63 2.34
CA GLN A 285 4.79 3.86 1.65
C GLN A 285 3.66 4.55 2.40
N ARG A 286 2.61 3.81 2.76
CA ARG A 286 1.46 4.42 3.43
C ARG A 286 1.83 4.93 4.82
N LEU A 287 2.76 4.26 5.51
CA LEU A 287 3.15 4.71 6.83
C LEU A 287 4.00 5.97 6.80
N GLY A 288 4.54 6.33 5.64
CA GLY A 288 5.28 7.57 5.50
C GLY A 288 6.77 7.48 5.75
N ILE A 289 7.34 6.28 5.81
CA ILE A 289 8.75 6.09 6.09
C ILE A 289 9.47 5.37 4.96
N ALA A 290 8.85 5.28 3.79
CA ALA A 290 9.46 4.54 2.68
C ALA A 290 10.77 5.17 2.23
N HIS A 291 10.91 6.49 2.39
CA HIS A 291 12.13 7.15 1.93
C HIS A 291 13.37 6.63 2.65
N TYR A 292 13.21 6.02 3.81
CA TYR A 292 14.34 5.45 4.54
C TYR A 292 14.81 4.12 3.96
N PHE A 293 14.02 3.49 3.09
CA PHE A 293 14.29 2.13 2.64
C PHE A 293 14.31 2.04 1.12
N SER A 294 14.80 3.10 0.46
CA SER A 294 14.79 3.12 -1.00
C SER A 294 15.62 1.98 -1.58
N SER A 295 16.75 1.67 -0.95
CA SER A 295 17.58 0.55 -1.43
C SER A 295 16.79 -0.75 -1.39
N GLU A 296 16.16 -1.04 -0.25
CA GLU A 296 15.41 -2.29 -0.12
C GLU A 296 14.17 -2.29 -1.00
N ILE A 297 13.47 -1.16 -1.06
CA ILE A 297 12.25 -1.08 -1.86
C ILE A 297 12.57 -1.22 -3.34
N ASN A 298 13.67 -0.60 -3.80
CA ASN A 298 14.07 -0.75 -5.19
C ASN A 298 14.35 -2.21 -5.52
N ASN A 299 14.97 -2.94 -4.58
CA ASN A 299 15.21 -4.36 -4.80
C ASN A 299 13.90 -5.13 -4.90
N PHE A 300 12.97 -4.85 -3.98
CA PHE A 300 11.68 -5.54 -4.02
C PHE A 300 10.97 -5.26 -5.34
N VAL A 301 10.88 -3.99 -5.73
CA VAL A 301 10.18 -3.63 -6.96
C VAL A 301 10.87 -4.26 -8.17
N ASP A 302 12.20 -4.32 -8.16
CA ASP A 302 12.92 -5.01 -9.22
C ASP A 302 12.45 -6.45 -9.35
N HIS A 303 12.32 -7.15 -8.22
CA HIS A 303 11.85 -8.52 -8.24
C HIS A 303 10.43 -8.61 -8.77
N ILE A 304 9.55 -7.70 -8.34
CA ILE A 304 8.17 -7.70 -8.82
C ILE A 304 8.14 -7.55 -10.33
N TYR A 305 8.93 -6.62 -10.86
CA TYR A 305 8.92 -6.37 -12.31
C TYR A 305 9.49 -7.54 -13.08
N ARG A 306 10.56 -8.16 -12.57
CA ARG A 306 11.19 -9.28 -13.27
C ARG A 306 10.18 -10.38 -13.57
N TYR A 307 9.25 -10.62 -12.66
CA TYR A 307 8.29 -11.71 -12.80
C TYR A 307 6.87 -11.20 -13.05
N TRP A 308 6.74 -9.95 -13.49
CA TRP A 308 5.46 -9.45 -13.93
C TRP A 308 5.02 -10.20 -15.18
N ASP A 309 3.72 -10.44 -15.31
CA ASP A 309 3.17 -11.18 -16.43
C ASP A 309 1.93 -10.48 -16.96
N GLN A 310 1.79 -10.45 -18.28
CA GLN A 310 0.66 -9.78 -18.92
C GLN A 310 -0.67 -10.46 -18.64
N LYS A 311 -0.66 -11.68 -18.10
CA LYS A 311 -1.88 -12.36 -17.68
C LYS A 311 -2.18 -12.10 -16.21
N GLY A 312 -1.40 -11.26 -15.54
CA GLY A 312 -1.54 -11.03 -14.12
C GLY A 312 -0.56 -11.87 -13.32
N ILE A 313 -0.47 -11.55 -12.02
CA ILE A 313 0.47 -12.22 -11.14
C ILE A 313 -0.30 -12.88 -10.00
N SER A 314 0.33 -13.89 -9.40
CA SER A 314 -0.21 -14.59 -8.25
C SER A 314 0.49 -14.10 -6.98
N PHE A 315 0.21 -14.75 -5.85
CA PHE A 315 0.93 -14.44 -4.62
C PHE A 315 2.36 -14.97 -4.67
N ALA A 316 2.65 -15.93 -5.54
CA ALA A 316 3.99 -16.46 -5.74
C ALA A 316 4.32 -16.43 -7.23
N ARG A 317 5.56 -16.09 -7.55
CA ARG A 317 5.96 -16.11 -8.95
C ARG A 317 5.88 -17.50 -9.55
N LYS A 318 5.89 -18.53 -8.70
CA LYS A 318 5.89 -19.92 -9.15
C LYS A 318 4.53 -20.58 -9.04
N CYS A 319 3.48 -19.81 -8.73
CA CYS A 319 2.11 -20.32 -8.73
C CYS A 319 1.44 -19.95 -10.05
N ASN A 320 0.59 -20.86 -10.55
CA ASN A 320 0.01 -20.72 -11.88
C ASN A 320 -1.40 -20.16 -11.86
N LEU A 321 -1.83 -19.54 -10.76
CA LEU A 321 -3.13 -18.88 -10.71
C LEU A 321 -2.97 -17.40 -10.36
N PRO A 322 -3.01 -16.50 -11.32
CA PRO A 322 -3.00 -15.06 -10.99
C PRO A 322 -4.31 -14.64 -10.34
N ASP A 323 -4.25 -13.59 -9.54
CA ASP A 323 -5.42 -13.04 -8.89
C ASP A 323 -5.42 -11.52 -9.04
N ILE A 324 -6.61 -10.93 -8.93
CA ILE A 324 -6.75 -9.50 -9.21
C ILE A 324 -6.06 -8.67 -8.13
N ASP A 325 -6.01 -9.17 -6.89
CA ASP A 325 -5.48 -8.36 -5.79
C ASP A 325 -3.98 -8.19 -5.93
N ASP A 326 -3.25 -9.31 -6.07
CA ASP A 326 -1.82 -9.21 -6.33
C ASP A 326 -1.57 -8.40 -7.60
N THR A 327 -2.41 -8.58 -8.61
CA THR A 327 -2.21 -7.89 -9.88
C THR A 327 -2.43 -6.39 -9.73
N ALA A 328 -3.51 -6.00 -9.05
CA ALA A 328 -3.80 -4.58 -8.89
C ALA A 328 -2.76 -3.89 -8.02
N MET A 329 -2.23 -4.60 -7.02
CA MET A 329 -1.25 -3.98 -6.13
C MET A 329 0.12 -3.91 -6.78
N GLY A 330 0.54 -4.97 -7.46
CA GLY A 330 1.80 -4.91 -8.19
C GLY A 330 1.75 -3.91 -9.33
N PHE A 331 0.63 -3.85 -10.04
CA PHE A 331 0.47 -2.85 -11.11
C PHE A 331 0.70 -1.45 -10.57
N ARG A 332 0.00 -1.09 -9.50
CA ARG A 332 0.11 0.27 -8.97
C ARG A 332 1.50 0.57 -8.47
N VAL A 333 2.11 -0.40 -7.76
CA VAL A 333 3.46 -0.20 -7.24
C VAL A 333 4.46 -0.05 -8.38
N LEU A 334 4.32 -0.89 -9.42
CA LEU A 334 5.25 -0.82 -10.54
C LEU A 334 5.13 0.50 -11.29
N ARG A 335 3.89 0.92 -11.57
CA ARG A 335 3.69 2.15 -12.33
C ARG A 335 4.21 3.36 -11.57
N THR A 336 3.83 3.50 -10.30
CA THR A 336 4.28 4.65 -9.52
C THR A 336 5.78 4.61 -9.24
N HIS A 337 6.44 3.48 -9.47
CA HIS A 337 7.90 3.40 -9.40
C HIS A 337 8.55 3.68 -10.75
N GLY A 338 7.76 3.90 -11.80
CA GLY A 338 8.29 4.26 -13.10
C GLY A 338 8.43 3.13 -14.09
N TYR A 339 7.99 1.92 -13.74
CA TYR A 339 8.04 0.79 -14.67
C TYR A 339 6.82 0.81 -15.57
N GLN A 340 7.04 0.51 -16.85
CA GLN A 340 5.96 0.48 -17.82
C GLN A 340 5.15 -0.80 -17.66
N VAL A 341 3.85 -0.66 -17.43
CA VAL A 341 2.94 -1.80 -17.30
C VAL A 341 1.63 -1.44 -17.97
N SER A 342 1.06 -2.40 -18.69
CA SER A 342 -0.18 -2.19 -19.43
C SER A 342 -1.39 -2.46 -18.55
N SER A 343 -2.41 -1.62 -18.69
CA SER A 343 -3.68 -1.84 -18.01
C SER A 343 -4.47 -3.00 -18.59
N ASP A 344 -4.00 -3.58 -19.70
CA ASP A 344 -4.69 -4.72 -20.29
C ASP A 344 -4.72 -5.93 -19.36
N VAL A 345 -3.78 -6.01 -18.41
CA VAL A 345 -3.76 -7.15 -17.49
C VAL A 345 -5.10 -7.34 -16.81
N PHE A 346 -5.80 -6.23 -16.52
CA PHE A 346 -7.05 -6.34 -15.78
C PHE A 346 -8.17 -6.96 -16.61
N GLN A 347 -8.01 -7.04 -17.94
CA GLN A 347 -9.01 -7.73 -18.74
C GLN A 347 -9.11 -9.20 -18.38
N HIS A 348 -8.05 -9.80 -17.83
CA HIS A 348 -8.08 -11.18 -17.39
C HIS A 348 -8.84 -11.37 -16.09
N PHE A 349 -9.37 -10.29 -15.50
CA PHE A 349 -10.10 -10.34 -14.25
C PHE A 349 -11.42 -9.59 -14.36
N GLU A 350 -11.95 -9.48 -15.57
CA GLU A 350 -13.17 -8.75 -15.84
C GLU A 350 -14.04 -9.56 -16.79
N LYS A 351 -15.34 -9.57 -16.53
CA LYS A 351 -16.27 -10.29 -17.39
C LYS A 351 -17.65 -9.66 -17.25
N ASP A 352 -18.22 -9.24 -18.38
CA ASP A 352 -19.59 -8.75 -18.43
C ASP A 352 -19.82 -7.61 -17.44
N GLY A 353 -18.82 -6.75 -17.31
CA GLY A 353 -18.93 -5.58 -16.47
C GLY A 353 -18.63 -5.80 -15.01
N GLN A 354 -18.23 -7.00 -14.62
CA GLN A 354 -17.91 -7.32 -13.23
C GLN A 354 -16.47 -7.75 -13.13
N PHE A 355 -15.86 -7.48 -11.98
CA PHE A 355 -14.48 -7.83 -11.73
C PHE A 355 -14.40 -9.03 -10.80
N TYR A 356 -13.36 -9.85 -11.00
CA TYR A 356 -13.23 -11.14 -10.35
C TYR A 356 -11.84 -11.27 -9.74
N CYS A 357 -11.77 -11.88 -8.56
CA CYS A 357 -10.47 -12.34 -8.06
C CYS A 357 -9.84 -13.33 -9.01
N TYR A 358 -10.61 -14.33 -9.43
CA TYR A 358 -10.23 -15.34 -10.40
C TYR A 358 -11.53 -16.02 -10.82
N TRP A 359 -11.44 -16.94 -11.77
CA TRP A 359 -12.63 -17.61 -12.26
C TRP A 359 -13.42 -18.21 -11.10
N GLY A 360 -14.73 -17.94 -11.09
CA GLY A 360 -15.61 -18.50 -10.10
C GLY A 360 -15.72 -17.73 -8.80
N GLN A 361 -14.97 -16.64 -8.65
CA GLN A 361 -14.99 -15.86 -7.42
C GLN A 361 -15.03 -14.38 -7.75
N THR A 362 -16.20 -13.77 -7.54
CA THR A 362 -16.32 -12.34 -7.70
C THR A 362 -15.39 -11.61 -6.75
N ALA A 363 -14.92 -10.44 -7.17
CA ALA A 363 -14.06 -9.59 -6.34
C ALA A 363 -14.91 -8.80 -5.33
N GLU A 364 -15.70 -9.54 -4.57
CA GLU A 364 -16.68 -8.96 -3.66
C GLU A 364 -16.09 -8.53 -2.33
N ALA A 365 -14.81 -8.76 -2.09
CA ALA A 365 -14.20 -8.42 -0.81
C ALA A 365 -13.84 -6.94 -0.76
N VAL A 366 -14.05 -6.32 0.41
CA VAL A 366 -13.86 -4.88 0.54
C VAL A 366 -12.41 -4.51 0.24
N THR A 367 -11.46 -5.19 0.89
CA THR A 367 -10.06 -4.81 0.73
C THR A 367 -9.59 -5.00 -0.71
N VAL A 368 -10.09 -6.06 -1.37
CA VAL A 368 -9.75 -6.27 -2.78
C VAL A 368 -10.26 -5.10 -3.62
N MET A 369 -11.52 -4.70 -3.40
CA MET A 369 -12.06 -3.55 -4.11
C MET A 369 -11.32 -2.28 -3.71
N PHE A 370 -10.97 -2.14 -2.43
CA PHE A 370 -10.13 -1.04 -1.97
C PHE A 370 -8.84 -0.98 -2.78
N ASN A 371 -8.15 -2.10 -2.90
CA ASN A 371 -6.88 -2.10 -3.63
C ASN A 371 -7.08 -1.89 -5.12
N LEU A 372 -8.20 -2.36 -5.67
CA LEU A 372 -8.49 -2.10 -7.09
C LEU A 372 -8.77 -0.63 -7.32
N TYR A 373 -9.61 -0.03 -6.47
CA TYR A 373 -9.87 1.40 -6.57
C TYR A 373 -8.57 2.19 -6.57
N ARG A 374 -7.64 1.82 -5.72
CA ARG A 374 -6.36 2.53 -5.65
C ARG A 374 -5.58 2.38 -6.95
N ALA A 375 -5.57 1.18 -7.52
CA ALA A 375 -4.87 0.97 -8.79
C ALA A 375 -5.51 1.77 -9.91
N SER A 376 -6.84 1.82 -9.94
CA SER A 376 -7.54 2.47 -11.05
C SER A 376 -7.22 3.95 -11.15
N GLN A 377 -6.77 4.58 -10.06
CA GLN A 377 -6.57 6.03 -10.06
C GLN A 377 -5.25 6.44 -10.68
N VAL A 378 -4.34 5.51 -10.94
CA VAL A 378 -3.06 5.85 -11.58
C VAL A 378 -3.19 5.66 -13.08
N LEU A 379 -4.40 5.72 -13.60
CA LEU A 379 -4.64 5.45 -15.01
C LEU A 379 -4.07 6.55 -15.88
N PHE A 380 -3.73 6.18 -17.12
CA PHE A 380 -3.31 7.10 -18.17
C PHE A 380 -4.46 7.36 -19.13
N PRO A 381 -4.38 8.41 -19.94
CA PRO A 381 -5.46 8.68 -20.90
C PRO A 381 -5.70 7.49 -21.82
N GLY A 382 -6.98 7.16 -22.02
CA GLY A 382 -7.36 6.10 -22.92
C GLY A 382 -7.43 4.71 -22.33
N GLU A 383 -7.13 4.56 -21.04
CA GLU A 383 -7.16 3.25 -20.39
C GLU A 383 -8.56 3.03 -19.81
N LYS A 384 -9.48 2.68 -20.71
CA LYS A 384 -10.90 2.65 -20.34
C LYS A 384 -11.17 1.62 -19.24
N ILE A 385 -10.46 0.48 -19.27
CA ILE A 385 -10.73 -0.57 -18.29
C ILE A 385 -10.49 -0.04 -16.88
N LEU A 386 -9.49 0.83 -16.71
CA LEU A 386 -9.25 1.40 -15.39
C LEU A 386 -10.33 2.41 -15.01
N ASP A 387 -10.85 3.14 -15.99
CA ASP A 387 -11.99 4.02 -15.71
C ASP A 387 -13.21 3.23 -15.30
N ASN A 388 -13.45 2.08 -15.95
CA ASN A 388 -14.53 1.20 -15.52
C ASN A 388 -14.28 0.68 -14.12
N ALA A 389 -13.03 0.31 -13.82
CA ALA A 389 -12.72 -0.22 -12.49
C ALA A 389 -12.93 0.85 -11.42
N LYS A 390 -12.50 2.08 -11.70
CA LYS A 390 -12.71 3.17 -10.74
C LYS A 390 -14.18 3.35 -10.42
N LYS A 391 -15.01 3.50 -11.45
CA LYS A 391 -16.45 3.65 -11.23
C LYS A 391 -17.02 2.44 -10.50
N PHE A 392 -16.64 1.24 -10.92
CA PHE A 392 -17.15 0.03 -10.29
C PHE A 392 -16.75 -0.03 -8.82
N ALA A 393 -15.46 0.16 -8.52
CA ALA A 393 -14.99 0.03 -7.15
C ALA A 393 -15.49 1.18 -6.27
N HIS A 394 -15.53 2.40 -6.82
CA HIS A 394 -16.00 3.53 -6.03
C HIS A 394 -17.45 3.34 -5.60
N ASN A 395 -18.28 2.83 -6.51
CA ASN A 395 -19.68 2.57 -6.17
C ASN A 395 -19.80 1.45 -5.14
N PHE A 396 -19.09 0.34 -5.36
CA PHE A 396 -19.13 -0.78 -4.43
C PHE A 396 -18.76 -0.32 -3.02
N LEU A 397 -17.70 0.48 -2.90
CA LEU A 397 -17.25 0.89 -1.58
C LEU A 397 -18.19 1.92 -0.97
N THR A 398 -18.67 2.88 -1.77
CA THR A 398 -19.58 3.89 -1.24
C THR A 398 -20.83 3.26 -0.64
N GLU A 399 -21.37 2.23 -1.30
CA GLU A 399 -22.57 1.58 -0.80
C GLU A 399 -22.29 0.81 0.49
N LYS A 400 -21.17 0.07 0.54
CA LYS A 400 -20.82 -0.63 1.77
C LYS A 400 -20.64 0.34 2.93
N VAL A 401 -20.21 1.57 2.64
CA VAL A 401 -20.11 2.58 3.69
C VAL A 401 -21.49 3.07 4.10
N ALA A 402 -22.35 3.36 3.11
CA ALA A 402 -23.69 3.83 3.42
C ALA A 402 -24.51 2.75 4.11
N THR A 403 -24.44 1.52 3.63
CA THR A 403 -25.19 0.41 4.23
C THR A 403 -24.60 -0.07 5.55
N ASN A 404 -23.53 0.57 6.04
CA ASN A 404 -22.83 0.12 7.23
C ASN A 404 -22.47 -1.36 7.12
N GLN A 405 -21.57 -1.63 6.17
CA GLN A 405 -21.13 -2.98 5.87
C GLN A 405 -19.64 -3.04 5.57
N VAL A 406 -18.88 -1.98 5.83
CA VAL A 406 -17.46 -1.95 5.51
C VAL A 406 -16.72 -2.92 6.41
N PHE A 407 -16.79 -4.21 6.07
CA PHE A 407 -16.05 -5.24 6.78
C PHE A 407 -15.80 -6.37 5.79
N ASP A 408 -14.69 -7.07 5.98
CA ASP A 408 -14.36 -8.26 5.21
C ASP A 408 -14.46 -9.47 6.13
N LYS A 409 -15.27 -10.45 5.73
CA LYS A 409 -15.42 -11.64 6.56
C LYS A 409 -14.10 -12.40 6.71
N TRP A 410 -13.12 -12.14 5.84
CA TRP A 410 -11.88 -12.91 5.81
C TRP A 410 -10.65 -12.02 5.97
N ILE A 411 -10.72 -11.09 6.92
CA ILE A 411 -9.54 -10.37 7.38
C ILE A 411 -9.88 -9.68 8.70
N ILE A 412 -9.07 -9.92 9.72
CA ILE A 412 -9.23 -9.30 11.03
C ILE A 412 -8.24 -8.14 11.10
N THR A 413 -8.74 -6.91 10.99
CA THR A 413 -7.90 -5.73 10.97
C THR A 413 -8.46 -4.69 11.93
N LYS A 414 -7.70 -3.61 12.11
CA LYS A 414 -8.03 -2.62 13.14
C LYS A 414 -9.14 -1.69 12.69
N ASP A 415 -8.99 -1.06 11.52
CA ASP A 415 -9.90 -0.01 11.09
C ASP A 415 -10.03 -0.03 9.57
N ILE A 416 -10.57 -1.13 9.02
CA ILE A 416 -10.79 -1.19 7.58
C ILE A 416 -11.75 -0.09 7.14
N LEU A 417 -12.68 0.31 8.02
CA LEU A 417 -13.60 1.39 7.68
C LEU A 417 -12.85 2.70 7.46
N GLY A 418 -11.94 3.03 8.38
CA GLY A 418 -11.16 4.25 8.20
C GLY A 418 -10.35 4.24 6.92
N GLU A 419 -9.77 3.10 6.57
CA GLU A 419 -9.01 3.02 5.33
C GLU A 419 -9.90 3.28 4.13
N VAL A 420 -11.07 2.63 4.08
CA VAL A 420 -11.99 2.84 2.98
C VAL A 420 -12.55 4.25 3.00
N GLN A 421 -12.85 4.77 4.19
CA GLN A 421 -13.36 6.14 4.29
C GLN A 421 -12.35 7.14 3.73
N TYR A 422 -11.07 6.98 4.07
CA TYR A 422 -10.06 7.90 3.58
C TYR A 422 -9.96 7.85 2.06
N ALA A 423 -10.07 6.65 1.49
CA ALA A 423 -9.96 6.52 0.03
C ALA A 423 -11.10 7.25 -0.68
N LEU A 424 -12.32 7.14 -0.14
CA LEU A 424 -13.47 7.79 -0.77
C LEU A 424 -13.48 9.30 -0.52
N ASP A 425 -12.93 9.73 0.62
CA ASP A 425 -12.92 11.15 0.94
C ASP A 425 -11.74 11.88 0.30
N VAL A 426 -10.66 11.17 0.00
CA VAL A 426 -9.45 11.79 -0.52
C VAL A 426 -9.00 11.07 -1.78
N PRO A 427 -9.33 11.58 -2.97
CA PRO A 427 -8.78 10.99 -4.20
C PRO A 427 -7.26 10.98 -4.16
N TRP A 428 -6.68 10.07 -4.95
CA TRP A 428 -5.22 10.01 -5.05
C TRP A 428 -4.65 11.34 -5.52
N TYR A 429 -5.37 12.03 -6.41
CA TYR A 429 -4.90 13.33 -6.88
C TYR A 429 -4.85 14.36 -5.76
N ALA A 430 -5.52 14.11 -4.64
CA ALA A 430 -5.57 15.06 -3.53
C ALA A 430 -4.94 14.51 -2.26
N SER A 431 -4.27 13.36 -2.32
CA SER A 431 -3.73 12.70 -1.13
C SER A 431 -2.32 13.21 -0.88
N LEU A 432 -2.22 14.32 -0.16
CA LEU A 432 -0.92 14.85 0.21
C LEU A 432 -0.18 13.83 1.07
N PRO A 433 1.13 13.65 0.85
CA PRO A 433 1.88 12.64 1.63
C PRO A 433 1.58 12.64 3.12
N ARG A 434 1.69 13.79 3.78
CA ARG A 434 1.54 13.82 5.22
C ARG A 434 0.09 13.56 5.64
N LEU A 435 -0.88 13.95 4.80
CA LEU A 435 -2.28 13.63 5.11
C LEU A 435 -2.50 12.13 5.08
N GLU A 436 -1.98 11.46 4.05
CA GLU A 436 -2.14 10.02 3.95
C GLU A 436 -1.51 9.31 5.15
N ALA A 437 -0.27 9.68 5.48
CA ALA A 437 0.41 9.05 6.61
C ALA A 437 -0.30 9.34 7.92
N ARG A 438 -0.72 10.60 8.13
CA ARG A 438 -1.33 10.97 9.40
C ARG A 438 -2.55 10.10 9.70
N TYR A 439 -3.33 9.78 8.68
CA TYR A 439 -4.51 8.94 8.90
C TYR A 439 -4.14 7.47 9.02
N TYR A 440 -3.24 6.98 8.18
CA TYR A 440 -2.90 5.56 8.23
C TYR A 440 -2.20 5.19 9.53
N LEU A 441 -1.46 6.13 10.13
CA LEU A 441 -0.78 5.82 11.38
C LEU A 441 -1.75 5.48 12.49
N ASP A 442 -3.00 5.94 12.40
CA ASP A 442 -4.04 5.60 13.36
C ASP A 442 -4.82 4.36 12.98
N GLN A 443 -4.58 3.81 11.79
CA GLN A 443 -5.33 2.67 11.27
C GLN A 443 -4.50 1.40 11.16
N TYR A 444 -3.22 1.52 10.80
CA TYR A 444 -2.35 0.36 10.68
C TYR A 444 -2.34 -0.44 11.98
N ALA A 445 -2.48 -1.77 11.84
CA ALA A 445 -2.69 -2.62 13.00
C ALA A 445 -1.40 -3.13 13.63
N GLY A 446 -0.30 -3.16 12.89
CA GLY A 446 0.92 -3.75 13.43
C GLY A 446 0.76 -5.25 13.52
N ASP A 447 1.14 -5.82 14.67
CA ASP A 447 1.08 -7.26 14.84
C ASP A 447 -0.34 -7.81 14.69
N GLY A 448 -1.36 -6.98 14.85
CA GLY A 448 -2.73 -7.43 14.96
C GLY A 448 -3.41 -7.85 13.68
N ASP A 449 -2.76 -7.70 12.53
CA ASP A 449 -3.37 -8.09 11.25
C ASP A 449 -3.28 -9.60 11.12
N VAL A 450 -4.43 -10.28 11.14
CA VAL A 450 -4.51 -11.72 10.94
C VAL A 450 -5.33 -11.97 9.69
N TRP A 451 -4.73 -12.65 8.71
CA TRP A 451 -5.40 -12.98 7.47
C TRP A 451 -6.00 -14.39 7.55
N ILE A 452 -7.00 -14.63 6.71
CA ILE A 452 -7.77 -15.88 6.74
C ILE A 452 -7.71 -16.51 5.35
N ALA A 453 -7.07 -17.68 5.27
CA ALA A 453 -7.09 -18.53 4.10
C ALA A 453 -7.76 -19.85 4.57
N LYS A 454 -7.18 -20.99 4.21
CA LYS A 454 -7.61 -22.23 4.84
C LYS A 454 -7.58 -22.13 6.36
N THR A 455 -6.56 -21.45 6.88
CA THR A 455 -6.36 -21.24 8.30
C THR A 455 -5.85 -19.81 8.50
N LEU A 456 -5.83 -19.39 9.76
CA LEU A 456 -5.33 -18.06 10.09
C LEU A 456 -3.82 -17.99 9.89
N TYR A 457 -3.35 -16.87 9.35
CA TYR A 457 -1.92 -16.66 9.19
C TYR A 457 -1.58 -15.18 9.33
N ARG A 458 -0.30 -14.91 9.58
CA ARG A 458 0.22 -13.56 9.78
C ARG A 458 1.45 -13.35 8.91
N LEU A 459 1.55 -12.16 8.34
CA LEU A 459 2.69 -11.77 7.50
C LEU A 459 3.55 -10.81 8.29
N LYS A 460 4.63 -11.34 8.89
CA LYS A 460 5.43 -10.55 9.82
C LYS A 460 6.08 -9.36 9.13
N TYR A 461 6.49 -9.52 7.87
CA TYR A 461 7.15 -8.44 7.17
C TYR A 461 6.18 -7.37 6.69
N VAL A 462 4.88 -7.65 6.70
CA VAL A 462 3.87 -6.69 6.27
C VAL A 462 3.19 -6.04 7.45
N SER A 463 2.93 -6.80 8.51
CA SER A 463 2.17 -6.35 9.66
C SER A 463 3.00 -6.61 10.91
N ASN A 464 3.64 -5.56 11.43
CA ASN A 464 4.40 -5.69 12.67
C ASN A 464 4.48 -4.34 13.36
N ASN A 465 4.68 -4.40 14.68
CA ASN A 465 4.63 -3.20 15.51
C ASN A 465 5.88 -2.34 15.39
N GLU A 466 6.97 -2.88 14.83
CA GLU A 466 8.18 -2.08 14.68
C GLU A 466 8.01 -1.03 13.57
N TYR A 467 7.40 -1.42 12.45
CA TYR A 467 7.06 -0.43 11.43
C TYR A 467 6.24 0.70 12.05
N LEU A 468 5.16 0.33 12.77
CA LEU A 468 4.25 1.32 13.33
C LEU A 468 4.97 2.24 14.30
N GLU A 469 5.73 1.66 15.24
CA GLU A 469 6.40 2.48 16.24
C GLU A 469 7.40 3.43 15.60
N THR A 470 8.21 2.91 14.68
CA THR A 470 9.16 3.77 13.98
C THR A 470 8.45 4.85 13.18
N ALA A 471 7.34 4.50 12.54
CA ALA A 471 6.63 5.48 11.72
C ALA A 471 6.01 6.58 12.58
N LYS A 472 5.43 6.21 13.73
CA LYS A 472 4.87 7.21 14.63
C LYS A 472 5.96 8.16 15.12
N LEU A 473 7.10 7.60 15.56
CA LEU A 473 8.18 8.44 16.05
C LEU A 473 8.66 9.40 14.97
N ASP A 474 8.86 8.90 13.75
CA ASP A 474 9.32 9.75 12.67
C ASP A 474 8.32 10.86 12.38
N TYR A 475 7.02 10.52 12.33
CA TYR A 475 6.03 11.53 12.00
C TYR A 475 5.99 12.63 13.05
N ASN A 476 5.82 12.27 14.31
CA ASN A 476 5.78 13.27 15.37
C ASN A 476 7.08 14.07 15.42
N HIS A 477 8.18 13.48 14.97
CA HIS A 477 9.44 14.21 14.92
C HIS A 477 9.43 15.24 13.79
N CYS A 478 9.03 14.82 12.59
CA CYS A 478 8.86 15.78 11.50
C CYS A 478 7.85 16.86 11.88
N GLN A 479 6.80 16.47 12.61
CA GLN A 479 5.78 17.44 13.02
C GLN A 479 6.38 18.50 13.94
N LYS A 480 7.28 18.09 14.84
CA LYS A 480 7.96 19.07 15.69
C LYS A 480 8.76 20.05 14.84
N ILE A 481 9.47 19.54 13.84
CA ILE A 481 10.23 20.41 12.93
C ILE A 481 9.29 21.39 12.23
N HIS A 482 8.15 20.87 11.75
CA HIS A 482 7.20 21.73 11.04
C HIS A 482 6.67 22.84 11.95
N LYS A 483 6.31 22.49 13.18
CA LYS A 483 5.79 23.50 14.11
C LYS A 483 6.83 24.59 14.37
N LEU A 484 8.10 24.21 14.44
CA LEU A 484 9.15 25.22 14.60
C LEU A 484 9.28 26.07 13.35
N GLU A 485 9.21 25.46 12.17
CA GLU A 485 9.30 26.23 10.94
C GLU A 485 8.11 27.17 10.80
N TRP A 486 6.92 26.71 11.20
CA TRP A 486 5.74 27.56 11.10
C TRP A 486 5.92 28.84 11.92
N SER A 487 6.51 28.72 13.11
CA SER A 487 6.80 29.91 13.91
C SER A 487 7.81 30.80 13.20
N TYR A 488 8.80 30.19 12.53
CA TYR A 488 9.79 30.98 11.80
C TYR A 488 9.15 31.71 10.63
N ILE A 489 8.20 31.06 9.93
CA ILE A 489 7.55 31.70 8.79
C ILE A 489 6.74 32.91 9.26
N GLN A 490 6.03 32.77 10.38
CA GLN A 490 5.27 33.90 10.90
C GLN A 490 6.19 35.08 11.22
N LYS A 491 7.36 34.80 11.79
CA LYS A 491 8.30 35.87 12.10
C LYS A 491 8.89 36.48 10.84
N TRP A 492 9.25 35.65 9.86
CA TRP A 492 9.80 36.16 8.62
C TRP A 492 8.81 37.08 7.92
N PHE A 493 7.52 36.71 7.93
CA PHE A 493 6.52 37.52 7.24
C PHE A 493 6.33 38.86 7.94
N LEU A 494 6.22 38.85 9.27
CA LEU A 494 6.02 40.10 9.99
C LEU A 494 7.25 41.01 9.88
N ASP A 495 8.44 40.42 9.86
CA ASP A 495 9.64 41.23 9.66
C ASP A 495 9.62 41.91 8.30
N LEU A 496 8.92 41.32 7.33
CA LEU A 496 8.64 41.99 6.07
C LEU A 496 7.41 42.89 6.21
N LYS A 497 7.49 43.80 7.18
CA LYS A 497 6.37 44.67 7.49
C LYS A 497 6.05 45.56 6.29
N ILE A 498 5.06 45.14 5.50
CA ILE A 498 4.60 45.88 4.34
C ILE A 498 3.22 46.46 4.56
N GLU A 499 2.28 45.63 5.02
CA GLU A 499 0.91 46.08 5.27
C GLU A 499 0.02 44.97 5.80
N GLU A 500 0.51 43.74 5.82
CA GLU A 500 -0.31 42.56 6.05
C GLU A 500 -0.02 41.93 7.40
N SER A 501 -0.87 40.97 7.76
CA SER A 501 -0.79 40.23 9.01
C SER A 501 -0.87 38.74 8.73
N ILE A 502 -0.55 37.95 9.76
CA ILE A 502 -0.63 36.50 9.66
C ILE A 502 -2.09 36.10 9.52
N ASN A 503 -2.52 35.76 8.31
CA ASN A 503 -3.88 35.34 8.06
C ASN A 503 -3.94 33.83 7.87
N THR A 504 -5.17 33.31 7.74
CA THR A 504 -5.35 31.88 7.49
C THR A 504 -4.59 31.44 6.26
N ARG A 505 -4.65 32.28 5.21
CA ARG A 505 -3.97 31.96 3.94
C ARG A 505 -2.48 31.78 4.21
N THR A 506 -1.87 32.45 5.18
CA THR A 506 -0.44 32.27 5.47
C THR A 506 -0.15 30.86 5.95
N LEU A 507 -1.00 30.33 6.84
CA LEU A 507 -0.83 28.96 7.29
C LEU A 507 -1.07 27.97 6.16
N TRP A 508 -2.10 28.21 5.35
CA TRP A 508 -2.33 27.36 4.18
C TRP A 508 -1.09 27.33 3.28
N SER A 509 -0.43 28.48 3.13
CA SER A 509 0.74 28.55 2.26
C SER A 509 1.88 27.68 2.78
N TYR A 510 2.06 27.63 4.09
CA TYR A 510 3.11 26.78 4.64
C TYR A 510 2.68 25.31 4.61
N TYR A 511 1.46 25.03 5.07
CA TYR A 511 0.96 23.65 5.12
C TYR A 511 1.03 23.00 3.75
N GLN A 512 0.61 23.71 2.70
CA GLN A 512 0.68 23.15 1.35
C GLN A 512 2.09 22.65 1.05
N ALA A 513 3.11 23.37 1.49
CA ALA A 513 4.49 22.93 1.28
C ALA A 513 4.87 21.81 2.23
N ALA A 514 4.55 21.97 3.52
CA ALA A 514 5.01 21.02 4.53
C ALA A 514 4.35 19.65 4.38
N ALA A 515 3.09 19.62 3.92
CA ALA A 515 2.37 18.36 3.79
C ALA A 515 2.82 17.53 2.59
N SER A 516 3.56 18.12 1.65
CA SER A 516 4.05 17.42 0.48
C SER A 516 5.54 17.12 0.55
N ILE A 517 6.37 18.14 0.77
CA ILE A 517 7.81 17.95 0.98
C ILE A 517 8.07 18.14 2.47
N PHE A 518 7.94 17.05 3.23
CA PHE A 518 7.91 17.09 4.68
C PHE A 518 9.25 16.78 5.33
N HIS A 519 10.19 16.23 4.58
CA HIS A 519 11.39 15.66 5.19
C HIS A 519 12.21 16.75 5.90
N PRO A 520 12.67 16.51 7.13
CA PRO A 520 13.45 17.56 7.82
C PRO A 520 14.65 18.05 7.02
N GLU A 521 15.34 17.14 6.32
CA GLU A 521 16.52 17.52 5.56
C GLU A 521 16.18 18.34 4.32
N ARG A 522 14.91 18.36 3.91
CA ARG A 522 14.48 19.14 2.74
C ARG A 522 13.85 20.46 3.16
N TYR A 523 14.40 21.10 4.19
CA TYR A 523 13.82 22.34 4.69
C TYR A 523 13.94 23.48 3.68
N ASN A 524 15.03 23.51 2.90
CA ASN A 524 15.21 24.59 1.93
C ASN A 524 14.09 24.56 0.88
N GLU A 525 13.78 23.38 0.34
CA GLU A 525 12.72 23.27 -0.63
C GLU A 525 11.38 23.67 -0.01
N ARG A 526 11.07 23.12 1.17
CA ARG A 526 9.77 23.36 1.80
C ARG A 526 9.60 24.84 2.15
N LEU A 527 10.61 25.45 2.76
CA LEU A 527 10.49 26.84 3.17
C LEU A 527 10.45 27.77 1.98
N ALA A 528 11.25 27.50 0.94
CA ALA A 528 11.21 28.33 -0.26
C ALA A 528 9.84 28.28 -0.93
N TRP A 529 9.27 27.08 -1.02
CA TRP A 529 7.91 26.94 -1.54
C TRP A 529 6.90 27.68 -0.69
N ALA A 530 7.02 27.57 0.64
CA ALA A 530 6.09 28.26 1.52
C ALA A 530 6.17 29.78 1.32
N LYS A 531 7.37 30.33 1.31
CA LYS A 531 7.50 31.78 1.12
C LYS A 531 7.04 32.20 -0.26
N THR A 532 7.22 31.35 -1.26
CA THR A 532 6.77 31.69 -2.61
C THR A 532 5.25 31.77 -2.68
N ASN A 533 4.56 30.82 -2.06
CA ASN A 533 3.10 30.91 -1.98
C ASN A 533 2.67 32.22 -1.33
N VAL A 534 3.29 32.56 -0.21
CA VAL A 534 2.93 33.79 0.51
C VAL A 534 3.11 35.00 -0.40
N LEU A 535 4.27 35.09 -1.06
CA LEU A 535 4.56 36.28 -1.86
C LEU A 535 3.71 36.33 -3.13
N VAL A 536 3.41 35.17 -3.73
CA VAL A 536 2.47 35.16 -4.85
C VAL A 536 1.12 35.70 -4.41
N ASP A 537 0.65 35.25 -3.23
CA ASP A 537 -0.58 35.80 -2.66
C ASP A 537 -0.48 37.31 -2.49
N THR A 538 0.63 37.78 -1.94
CA THR A 538 0.77 39.21 -1.66
C THR A 538 0.86 40.03 -2.93
N ILE A 539 1.65 39.56 -3.90
CA ILE A 539 1.85 40.33 -5.14
C ILE A 539 0.55 40.42 -5.92
N THR A 540 -0.14 39.29 -6.11
CA THR A 540 -1.36 39.30 -6.89
C THR A 540 -2.44 40.15 -6.21
N THR A 541 -2.58 40.02 -4.90
CA THR A 541 -3.49 40.90 -4.16
C THR A 541 -3.14 42.36 -4.41
N PHE A 542 -1.84 42.69 -4.36
CA PHE A 542 -1.40 44.06 -4.60
C PHE A 542 -1.79 44.53 -6.00
N PHE A 543 -1.58 43.68 -7.01
CA PHE A 543 -1.97 44.04 -8.36
C PHE A 543 -3.47 44.33 -8.45
N SER A 544 -4.28 43.57 -7.71
CA SER A 544 -5.72 43.76 -7.77
C SER A 544 -6.14 45.05 -7.07
N LYS A 545 -5.72 45.22 -5.81
CA LYS A 545 -6.12 46.40 -5.05
C LYS A 545 -5.74 47.68 -5.78
N GLN A 546 -4.53 47.74 -6.31
CA GLN A 546 -4.01 48.95 -6.94
C GLN A 546 -4.50 49.13 -8.38
N GLN A 547 -5.27 48.18 -8.91
CA GLN A 547 -5.77 48.24 -10.29
C GLN A 547 -4.62 48.57 -11.24
N MET A 548 -3.56 47.76 -11.17
CA MET A 548 -2.36 48.00 -11.96
C MET A 548 -2.56 47.50 -13.39
N SER A 549 -2.24 48.35 -14.35
CA SER A 549 -2.35 48.01 -15.76
C SER A 549 -1.16 47.15 -16.18
N LYS A 550 -1.14 46.75 -17.46
CA LYS A 550 0.00 46.03 -17.99
C LYS A 550 1.26 46.87 -17.90
N ASP A 551 1.18 48.13 -18.32
CA ASP A 551 2.32 49.04 -18.19
C ASP A 551 2.78 49.13 -16.75
N ASP A 552 1.84 49.19 -15.81
CA ASP A 552 2.20 49.23 -14.39
C ASP A 552 3.00 47.99 -14.00
N ILE A 553 2.49 46.81 -14.36
CA ILE A 553 3.21 45.57 -14.07
C ILE A 553 4.58 45.58 -14.77
N GLN A 554 4.64 46.14 -15.97
CA GLN A 554 5.90 46.20 -16.69
C GLN A 554 6.95 46.96 -15.90
N GLY A 555 6.60 48.15 -15.39
CA GLY A 555 7.53 48.89 -14.55
C GLY A 555 7.89 48.12 -13.29
N PHE A 556 6.93 47.39 -12.72
CA PHE A 556 7.21 46.58 -11.53
C PHE A 556 8.32 45.57 -11.79
N VAL A 557 8.40 45.03 -13.01
CA VAL A 557 9.41 44.01 -13.31
C VAL A 557 10.79 44.64 -13.44
N ASN A 558 10.88 45.79 -14.12
CA ASN A 558 12.18 46.40 -14.36
C ASN A 558 12.91 46.70 -13.05
N GLN A 559 12.17 47.14 -12.03
CA GLN A 559 12.79 47.42 -10.74
C GLN A 559 13.36 46.15 -10.13
N LEU A 560 12.66 45.02 -10.29
CA LEU A 560 13.15 43.76 -9.73
C LEU A 560 14.53 43.42 -10.24
N THR A 561 14.79 43.64 -11.53
CA THR A 561 16.05 43.25 -12.15
C THR A 561 17.00 44.41 -12.39
N ASN A 562 16.50 45.65 -12.40
CA ASN A 562 17.36 46.81 -12.62
C ASN A 562 16.61 48.10 -12.28
N GLN A 567 9.18 54.24 -15.41
CA GLN A 567 10.03 53.33 -14.64
C GLN A 567 9.17 52.55 -13.65
N THR A 568 9.34 52.80 -12.35
CA THR A 568 8.52 52.19 -11.32
C THR A 568 8.19 53.26 -10.30
N TYR A 569 6.91 53.36 -9.92
CA TYR A 569 6.45 54.44 -9.06
C TYR A 569 5.54 53.87 -7.97
N GLY A 570 5.57 54.52 -6.81
CA GLY A 570 4.79 54.07 -5.67
C GLY A 570 5.66 53.49 -4.58
N LYS A 571 5.60 54.06 -3.37
CA LYS A 571 6.47 53.58 -2.31
C LYS A 571 6.19 52.12 -1.97
N MET A 572 4.91 51.73 -1.95
CA MET A 572 4.58 50.34 -1.65
C MET A 572 5.11 49.40 -2.72
N SER A 573 5.08 49.83 -3.98
CA SER A 573 5.66 49.03 -5.05
C SER A 573 7.13 48.73 -4.74
N HIS A 574 7.91 49.76 -4.43
CA HIS A 574 9.32 49.57 -4.14
C HIS A 574 9.52 48.69 -2.91
N MET A 575 8.62 48.77 -1.93
CA MET A 575 8.78 47.96 -0.73
C MET A 575 8.46 46.49 -1.00
N LEU A 576 7.53 46.22 -1.92
CA LEU A 576 7.27 44.83 -2.29
C LEU A 576 8.42 44.25 -3.10
N ILE A 577 8.96 45.03 -4.04
CA ILE A 577 10.10 44.56 -4.83
C ILE A 577 11.27 44.24 -3.92
N ASP A 578 11.56 45.12 -2.96
CA ASP A 578 12.66 44.88 -2.05
C ASP A 578 12.38 43.67 -1.15
N ALA A 579 11.15 43.55 -0.66
CA ALA A 579 10.79 42.38 0.14
C ALA A 579 10.96 41.10 -0.68
N LEU A 580 10.55 41.12 -1.94
CA LEU A 580 10.76 39.97 -2.80
C LEU A 580 12.24 39.66 -2.94
N ASN A 581 13.03 40.68 -3.33
CA ASN A 581 14.44 40.44 -3.59
C ASN A 581 15.18 39.96 -2.35
N GLU A 582 14.85 40.53 -1.18
CA GLU A 582 15.48 40.10 0.05
C GLU A 582 15.16 38.64 0.34
N THR A 583 13.91 38.22 0.08
CA THR A 583 13.55 36.82 0.27
C THR A 583 14.38 35.92 -0.64
N LEU A 584 14.48 36.29 -1.92
CA LEU A 584 15.24 35.47 -2.87
C LEU A 584 16.71 35.39 -2.47
N LYS A 585 17.29 36.51 -2.02
CA LYS A 585 18.67 36.48 -1.55
C LYS A 585 18.83 35.54 -0.37
N HIS A 586 17.86 35.55 0.55
CA HIS A 586 17.94 34.69 1.73
C HIS A 586 17.74 33.23 1.35
N ILE A 587 16.80 32.96 0.45
CA ILE A 587 16.56 31.58 0.03
C ILE A 587 17.83 31.00 -0.60
N SER A 588 18.43 31.73 -1.54
CA SER A 588 19.65 31.25 -2.18
C SER A 588 20.80 31.15 -1.18
N MET A 589 20.83 32.03 -0.19
CA MET A 589 21.82 31.93 0.87
C MET A 589 21.72 30.58 1.57
N LYS A 590 20.53 30.24 2.05
CA LYS A 590 20.37 28.97 2.76
C LYS A 590 20.59 27.78 1.85
N ALA A 591 20.32 27.91 0.55
CA ALA A 591 20.53 26.81 -0.37
C ALA A 591 22.00 26.51 -0.60
N ARG A 592 22.88 27.47 -0.32
CA ARG A 592 24.31 27.22 -0.45
C ARG A 592 24.75 26.02 0.39
N GLU A 593 24.07 25.80 1.53
CA GLU A 593 24.41 24.66 2.37
C GLU A 593 24.06 23.34 1.70
N THR A 594 23.01 23.32 0.88
CA THR A 594 22.67 22.11 0.13
C THR A 594 23.69 21.85 -0.96
N HIS A 595 23.79 22.76 -1.92
CA HIS A 595 24.75 22.67 -3.01
C HIS A 595 25.40 24.04 -3.20
N GLY A 596 26.47 24.06 -3.98
CA GLY A 596 27.30 25.25 -4.07
C GLY A 596 26.92 26.27 -5.11
N ILE A 597 25.96 25.98 -5.98
CA ILE A 597 25.65 26.87 -7.09
C ILE A 597 24.74 27.98 -6.61
N ASP A 598 25.13 29.23 -6.90
CA ASP A 598 24.32 30.39 -6.55
C ASP A 598 23.08 30.42 -7.42
N ILE A 599 21.90 30.39 -6.78
CA ILE A 599 20.64 30.30 -7.52
C ILE A 599 19.90 31.64 -7.61
N TYR A 600 20.39 32.68 -6.95
CA TYR A 600 19.69 33.97 -6.96
C TYR A 600 19.38 34.45 -8.37
N PRO A 601 20.32 34.47 -9.31
CA PRO A 601 19.95 34.86 -10.68
C PRO A 601 18.81 34.03 -11.27
N HIS A 602 18.79 32.72 -11.00
CA HIS A 602 17.75 31.87 -11.59
C HIS A 602 16.40 32.11 -10.93
N LEU A 603 16.40 32.38 -9.62
CA LEU A 603 15.15 32.73 -8.96
C LEU A 603 14.61 34.05 -9.48
N GLN A 604 15.49 35.05 -9.64
CA GLN A 604 15.07 36.32 -10.23
C GLN A 604 14.46 36.09 -11.61
N SER A 605 15.11 35.27 -12.44
CA SER A 605 14.58 34.99 -13.76
C SER A 605 13.21 34.32 -13.68
N SER A 606 13.06 33.36 -12.77
CA SER A 606 11.77 32.67 -12.64
C SER A 606 10.67 33.63 -12.24
N TRP A 607 10.97 34.57 -11.34
CA TRP A 607 9.96 35.53 -10.92
C TRP A 607 9.69 36.54 -12.02
N LYS A 608 10.74 36.97 -12.74
CA LYS A 608 10.55 37.83 -13.89
C LYS A 608 9.60 37.18 -14.91
N LYS A 609 9.82 35.89 -15.18
CA LYS A 609 8.98 35.20 -16.16
C LYS A 609 7.53 35.16 -15.70
N TRP A 610 7.29 34.86 -14.42
CA TRP A 610 5.92 34.85 -13.93
C TRP A 610 5.30 36.24 -13.97
N LEU A 611 6.02 37.24 -13.46
CA LEU A 611 5.47 38.59 -13.42
C LEU A 611 5.10 39.08 -14.81
N LEU A 612 5.90 38.73 -15.82
CA LEU A 612 5.57 39.13 -17.19
C LEU A 612 4.36 38.37 -17.71
N SER A 613 4.15 37.14 -17.25
CA SER A 613 2.96 36.40 -17.65
C SER A 613 1.69 37.06 -17.11
N CYS A 614 1.79 37.75 -15.97
CA CYS A 614 0.64 38.49 -15.45
C CYS A 614 0.25 39.66 -16.34
N MET A 615 1.17 40.11 -17.22
CA MET A 615 0.81 41.15 -18.17
C MET A 615 -0.20 40.64 -19.18
N ASN A 616 0.04 39.44 -19.72
CA ASN A 616 -0.65 38.96 -20.91
C ASN A 616 -1.90 38.15 -20.60
N GLY A 617 -2.14 37.76 -19.35
CA GLY A 617 -3.29 36.97 -19.02
C GLY A 617 -3.49 36.81 -17.53
N PRO A 618 -4.27 35.79 -17.15
CA PRO A 618 -4.52 35.55 -15.71
C PRO A 618 -3.22 35.38 -14.94
N ASN A 619 -3.25 35.83 -13.68
CA ASN A 619 -2.05 35.86 -12.87
C ASN A 619 -1.72 34.51 -12.23
N VAL A 620 -2.61 33.52 -12.34
CA VAL A 620 -2.30 32.17 -11.87
C VAL A 620 -1.83 31.27 -13.01
N ALA A 621 -1.60 31.84 -14.21
CA ALA A 621 -1.32 31.02 -15.38
C ALA A 621 0.00 30.28 -15.24
N GLY A 622 1.00 30.92 -14.62
CA GLY A 622 2.32 30.33 -14.53
C GLY A 622 2.87 30.21 -13.14
N VAL A 623 1.98 30.16 -12.14
CA VAL A 623 2.44 30.02 -10.76
C VAL A 623 3.07 28.66 -10.53
N ALA A 624 2.43 27.60 -11.03
CA ALA A 624 2.97 26.25 -10.84
C ALA A 624 4.40 26.15 -11.35
N GLU A 625 4.66 26.69 -12.54
CA GLU A 625 6.03 26.68 -13.07
C GLU A 625 6.98 27.43 -12.15
N LEU A 626 6.53 28.55 -11.58
CA LEU A 626 7.37 29.32 -10.67
C LEU A 626 7.70 28.50 -9.42
N ILE A 627 6.69 27.84 -8.85
CA ILE A 627 6.91 27.05 -7.64
C ILE A 627 7.84 25.88 -7.94
N VAL A 628 7.57 25.16 -9.04
CA VAL A 628 8.37 23.98 -9.37
C VAL A 628 9.83 24.37 -9.58
N GLU A 629 10.06 25.40 -10.39
CA GLU A 629 11.43 25.85 -10.64
C GLU A 629 12.12 26.23 -9.34
N THR A 630 11.39 26.87 -8.42
CA THR A 630 11.96 27.20 -7.11
C THR A 630 12.39 25.94 -6.37
N ILE A 631 11.56 24.90 -6.41
CA ILE A 631 11.91 23.66 -5.73
C ILE A 631 13.10 22.99 -6.42
N ASN A 632 13.09 22.94 -7.75
CA ASN A 632 14.19 22.32 -8.48
C ASN A 632 15.49 23.07 -8.27
N LEU A 633 15.43 24.40 -8.07
CA LEU A 633 16.64 25.18 -7.92
C LEU A 633 17.23 25.05 -6.52
N THR A 634 16.40 25.21 -5.48
CA THR A 634 16.91 25.10 -4.12
C THR A 634 17.41 23.70 -3.82
N SER A 635 16.75 22.68 -4.40
CA SER A 635 17.22 21.31 -4.22
C SER A 635 18.52 21.06 -4.97
N GLY A 636 18.75 21.78 -6.06
CA GLY A 636 19.90 21.57 -6.90
C GLY A 636 19.67 20.69 -8.11
N ARG A 637 18.45 20.17 -8.27
CA ARG A 637 18.18 19.27 -9.38
C ARG A 637 18.24 19.96 -10.73
N SER A 638 18.05 21.28 -10.78
CA SER A 638 18.15 22.00 -12.04
C SER A 638 19.56 21.93 -12.62
N PHE A 639 20.57 21.65 -11.78
CA PHE A 639 21.95 21.56 -12.24
C PHE A 639 22.49 20.14 -12.21
N SER A 640 21.91 19.24 -11.43
CA SER A 640 22.26 17.83 -11.52
C SER A 640 21.84 17.26 -12.87
N ASN A 641 20.77 17.80 -13.45
CA ASN A 641 20.27 17.41 -14.77
C ASN A 641 20.14 18.66 -15.62
N ASP A 642 20.41 18.50 -16.92
CA ASP A 642 20.32 19.62 -17.86
C ASP A 642 18.88 19.68 -18.37
N LEU A 643 18.04 20.38 -17.61
CA LEU A 643 16.64 20.54 -18.00
C LEU A 643 16.54 21.32 -19.31
N LEU A 644 17.29 22.43 -19.42
CA LEU A 644 17.45 23.24 -20.62
C LEU A 644 16.36 22.99 -21.66
N SER A 645 16.72 22.33 -22.77
CA SER A 645 15.77 22.13 -23.86
C SER A 645 15.40 20.65 -24.06
N HIS A 646 15.57 19.83 -23.03
CA HIS A 646 14.99 18.50 -23.04
C HIS A 646 13.51 18.62 -23.42
N PRO A 647 13.06 17.97 -24.49
CA PRO A 647 11.70 18.28 -24.99
C PRO A 647 10.62 18.05 -23.96
N GLN A 648 10.83 17.13 -23.02
CA GLN A 648 9.82 16.89 -21.99
C GLN A 648 9.72 18.04 -21.00
N TYR A 649 10.74 18.89 -20.90
CA TYR A 649 10.67 20.03 -19.98
C TYR A 649 9.58 21.00 -20.41
N LYS A 650 9.62 21.45 -21.66
CA LYS A 650 8.55 22.30 -22.17
C LYS A 650 7.20 21.60 -22.04
N GLN A 651 7.16 20.30 -22.29
CA GLN A 651 5.91 19.55 -22.29
C GLN A 651 5.31 19.51 -20.89
N ILE A 652 6.08 19.06 -19.89
CA ILE A 652 5.54 18.97 -18.55
C ILE A 652 5.22 20.36 -18.00
N THR A 653 6.03 21.36 -18.36
CA THR A 653 5.76 22.72 -17.92
C THR A 653 4.43 23.22 -18.45
N SER A 654 4.15 22.98 -19.74
CA SER A 654 2.91 23.44 -20.33
C SER A 654 1.71 22.71 -19.73
N ILE A 655 1.82 21.39 -19.57
CA ILE A 655 0.72 20.63 -18.97
C ILE A 655 0.44 21.12 -17.56
N THR A 656 1.50 21.28 -16.77
CA THR A 656 1.32 21.67 -15.37
C THR A 656 0.76 23.08 -15.26
N ASN A 657 1.29 24.02 -16.06
CA ASN A 657 0.75 25.37 -16.04
C ASN A 657 -0.71 25.39 -16.47
N ASP A 658 -1.05 24.65 -17.51
CA ASP A 658 -2.44 24.56 -17.94
C ASP A 658 -3.30 23.91 -16.88
N LEU A 659 -2.78 22.86 -16.24
CA LEU A 659 -3.55 22.15 -15.22
C LEU A 659 -3.84 23.05 -14.02
N CYS A 660 -2.81 23.67 -13.45
CA CYS A 660 -3.00 24.53 -12.30
C CYS A 660 -3.67 25.85 -12.67
N HIS A 661 -3.68 26.21 -13.95
CA HIS A 661 -4.53 27.31 -14.42
C HIS A 661 -5.99 26.90 -14.34
N GLN A 662 -6.32 25.70 -14.81
CA GLN A 662 -7.70 25.24 -14.75
C GLN A 662 -8.16 25.05 -13.31
N LEU A 663 -7.26 24.61 -12.42
CA LEU A 663 -7.64 24.28 -11.05
C LEU A 663 -7.91 25.54 -10.24
N CYS A 664 -6.90 26.42 -10.14
CA CYS A 664 -7.04 27.60 -9.30
C CYS A 664 -8.05 28.60 -9.83
N SER A 665 -8.37 28.54 -11.13
CA SER A 665 -9.35 29.43 -11.73
C SER A 665 -10.60 28.70 -12.20
N LYS A 666 -10.94 27.59 -11.53
CA LYS A 666 -12.19 26.89 -11.77
C LYS A 666 -13.33 27.51 -10.97
N GLY A 667 -13.01 28.15 -9.85
CA GLY A 667 -14.03 28.85 -9.07
C GLY A 667 -14.92 27.93 -8.29
N ASN A 668 -16.23 28.06 -8.50
CA ASN A 668 -17.22 27.22 -7.82
C ASN A 668 -17.69 26.07 -8.68
N ARG A 669 -17.22 25.96 -9.91
CA ARG A 669 -17.44 24.75 -10.68
C ARG A 669 -16.89 23.54 -9.93
N ALA A 670 -17.33 22.36 -10.33
CA ALA A 670 -16.73 21.12 -9.85
C ALA A 670 -15.59 20.71 -10.77
N ILE A 671 -14.63 19.99 -10.20
CA ILE A 671 -13.52 19.44 -10.98
C ILE A 671 -14.11 18.48 -12.01
N GLY A 672 -14.04 18.86 -13.29
CA GLY A 672 -14.72 18.13 -14.34
C GLY A 672 -13.80 17.16 -15.07
N SER A 673 -14.34 16.61 -16.15
CA SER A 673 -13.60 15.59 -16.92
C SER A 673 -12.34 16.16 -17.55
N GLU A 674 -12.37 17.43 -17.96
CA GLU A 674 -11.20 18.01 -18.61
C GLU A 674 -10.02 18.11 -17.66
N ILE A 675 -10.28 18.47 -16.40
CA ILE A 675 -9.20 18.54 -15.42
C ILE A 675 -8.68 17.15 -15.10
N GLU A 676 -9.58 16.19 -14.92
CA GLU A 676 -9.16 14.81 -14.67
C GLU A 676 -8.28 14.31 -15.80
N SER A 677 -8.66 14.60 -17.05
CA SER A 677 -7.89 14.10 -18.19
C SER A 677 -6.51 14.76 -18.25
N LYS A 678 -6.43 16.06 -17.94
CA LYS A 678 -5.14 16.74 -17.95
C LYS A 678 -4.22 16.20 -16.87
N MET A 679 -4.78 15.90 -15.68
CA MET A 679 -3.97 15.28 -14.65
C MET A 679 -3.49 13.89 -15.09
N GLN A 680 -4.34 13.14 -15.78
CA GLN A 680 -3.91 11.86 -16.34
C GLN A 680 -2.75 12.05 -17.30
N GLU A 681 -2.82 13.09 -18.14
CA GLU A 681 -1.70 13.41 -19.03
C GLU A 681 -0.41 13.59 -18.23
N LEU A 682 -0.48 14.38 -17.16
CA LEU A 682 0.70 14.62 -16.33
C LEU A 682 1.20 13.33 -15.72
N VAL A 683 0.28 12.53 -15.16
CA VAL A 683 0.67 11.27 -14.52
C VAL A 683 1.37 10.37 -15.54
N GLN A 684 0.80 10.26 -16.75
CA GLN A 684 1.42 9.44 -17.79
C GLN A 684 2.84 9.90 -18.08
N LEU A 685 3.05 11.22 -18.18
CA LEU A 685 4.39 11.73 -18.43
C LEU A 685 5.31 11.47 -17.24
N VAL A 686 4.81 11.68 -16.02
CA VAL A 686 5.66 11.61 -14.85
C VAL A 686 6.16 10.19 -14.61
N PHE A 687 5.31 9.20 -14.83
CA PHE A 687 5.64 7.82 -14.47
C PHE A 687 6.03 6.97 -15.67
N SER A 688 6.06 7.53 -16.87
CA SER A 688 6.55 6.81 -18.05
C SER A 688 8.05 7.09 -18.20
N ASP A 689 8.81 6.53 -17.27
CA ASP A 689 10.25 6.72 -17.24
C ASP A 689 10.90 6.08 -18.46
N SER A 690 11.82 6.82 -19.07
CA SER A 690 12.66 6.32 -20.15
C SER A 690 14.11 6.57 -19.78
N SER A 691 15.01 5.77 -20.36
CA SER A 691 16.43 5.92 -20.05
C SER A 691 16.92 7.32 -20.41
N ASP A 692 16.47 7.87 -21.52
CA ASP A 692 16.86 9.19 -21.98
C ASP A 692 15.80 10.25 -21.69
N GLY A 693 14.82 9.94 -20.85
CA GLY A 693 13.81 10.92 -20.51
C GLY A 693 14.26 11.86 -19.41
N LEU A 694 13.46 12.91 -19.20
CA LEU A 694 13.77 13.86 -18.13
C LEU A 694 13.87 13.14 -16.79
N ASP A 695 14.77 13.63 -15.94
CA ASP A 695 15.05 12.97 -14.68
C ASP A 695 13.76 12.74 -13.89
N PRO A 696 13.52 11.51 -13.41
CA PRO A 696 12.24 11.25 -12.71
C PRO A 696 12.02 12.15 -11.50
N ASP A 697 13.05 12.43 -10.71
CA ASP A 697 12.85 13.25 -9.51
C ASP A 697 12.40 14.66 -9.89
N VAL A 698 12.97 15.21 -10.98
CA VAL A 698 12.49 16.49 -11.48
C VAL A 698 11.04 16.37 -11.92
N LYS A 699 10.72 15.30 -12.65
CA LYS A 699 9.36 15.11 -13.14
C LYS A 699 8.36 15.03 -11.98
N LYS A 700 8.70 14.25 -10.96
CA LYS A 700 7.75 14.04 -9.86
C LYS A 700 7.45 15.33 -9.10
N THR A 701 8.35 16.31 -9.16
CA THR A 701 8.07 17.59 -8.51
C THR A 701 6.86 18.28 -9.12
N TYR A 702 6.71 18.18 -10.45
CA TYR A 702 5.55 18.77 -11.10
C TYR A 702 4.26 18.12 -10.61
N LEU A 703 4.26 16.80 -10.45
CA LEU A 703 3.07 16.13 -9.91
C LEU A 703 2.82 16.55 -8.47
N VAL A 704 3.90 16.73 -7.68
CA VAL A 704 3.73 17.10 -6.28
C VAL A 704 2.99 18.43 -6.17
N VAL A 705 3.42 19.42 -6.95
CA VAL A 705 2.78 20.73 -6.92
C VAL A 705 1.38 20.65 -7.48
N ALA A 706 1.19 19.92 -8.58
CA ALA A 706 -0.13 19.80 -9.18
C ALA A 706 -1.13 19.23 -8.18
N LYS A 707 -0.74 18.17 -7.47
CA LYS A 707 -1.63 17.59 -6.47
C LYS A 707 -2.00 18.62 -5.40
N SER A 708 -1.03 19.43 -4.99
CA SER A 708 -1.31 20.45 -3.98
C SER A 708 -2.33 21.47 -4.49
N PHE A 709 -2.32 21.75 -5.79
CA PHE A 709 -3.36 22.59 -6.37
C PHE A 709 -4.69 21.86 -6.42
N TYR A 710 -4.67 20.59 -6.85
CA TYR A 710 -5.89 19.77 -6.86
C TYR A 710 -6.49 19.70 -5.47
N TYR A 711 -5.65 19.43 -4.46
CA TYR A 711 -6.11 19.38 -3.08
C TYR A 711 -6.87 20.64 -2.70
N MET A 712 -6.27 21.80 -2.98
CA MET A 712 -6.87 23.06 -2.55
C MET A 712 -8.20 23.33 -3.25
N ALA A 713 -8.36 22.83 -4.48
CA ALA A 713 -9.61 23.02 -5.21
C ALA A 713 -10.66 21.97 -4.83
N TYR A 714 -10.22 20.83 -4.28
CA TYR A 714 -11.16 19.74 -4.03
C TYR A 714 -11.88 19.90 -2.69
N PHE A 715 -11.19 20.40 -1.67
CA PHE A 715 -11.74 20.48 -0.33
C PHE A 715 -12.18 21.91 0.00
N ASP A 716 -13.24 22.01 0.79
CA ASP A 716 -13.69 23.30 1.26
C ASP A 716 -12.78 23.82 2.38
N ALA A 717 -12.99 25.07 2.76
CA ALA A 717 -12.14 25.69 3.78
C ALA A 717 -12.18 24.91 5.09
N LYS A 718 -13.39 24.62 5.58
CA LYS A 718 -13.52 23.98 6.89
C LYS A 718 -12.79 22.64 6.91
N THR A 719 -12.84 21.89 5.81
CA THR A 719 -12.14 20.61 5.77
C THR A 719 -10.63 20.81 5.74
N ILE A 720 -10.15 21.77 4.94
CA ILE A 720 -8.73 22.10 4.92
C ILE A 720 -8.24 22.39 6.33
N ASP A 721 -8.93 23.28 7.03
CA ASP A 721 -8.53 23.65 8.38
C ASP A 721 -8.42 22.42 9.28
N SER A 722 -9.42 21.52 9.20
CA SER A 722 -9.37 20.31 10.00
C SER A 722 -8.17 19.45 9.62
N HIS A 723 -7.87 19.35 8.32
CA HIS A 723 -6.67 18.64 7.88
C HIS A 723 -5.42 19.26 8.50
N ILE A 724 -5.33 20.59 8.49
CA ILE A 724 -4.13 21.27 8.98
C ILE A 724 -3.90 20.95 10.45
N ASN A 725 -4.96 21.06 11.25
CA ASN A 725 -4.81 20.78 12.68
C ASN A 725 -4.33 19.36 12.93
N LYS A 726 -4.85 18.39 12.17
CA LYS A 726 -4.45 17.00 12.40
C LYS A 726 -3.05 16.74 11.89
N VAL A 727 -2.70 17.29 10.73
CA VAL A 727 -1.41 16.99 10.12
C VAL A 727 -0.28 17.71 10.85
N LEU A 728 -0.52 18.94 11.29
CA LEU A 728 0.55 19.78 11.81
C LEU A 728 0.54 19.91 13.33
N PHE A 729 -0.63 19.82 13.97
CA PHE A 729 -0.73 20.18 15.37
C PHE A 729 -1.33 19.10 16.26
N GLU A 730 -1.75 17.97 15.70
CA GLU A 730 -2.19 16.81 16.46
C GLU A 730 -1.09 15.75 16.42
N MET A 731 -0.38 15.59 17.53
CA MET A 731 0.63 14.54 17.63
C MET A 731 -0.03 13.17 17.52
N VAL A 732 0.66 12.25 16.87
CA VAL A 732 0.16 10.89 16.70
C VAL A 732 0.29 10.14 18.02
N VAL A 733 -0.80 9.58 18.50
CA VAL A 733 -0.82 8.89 19.79
C VAL A 733 -0.06 7.57 19.69
#